data_7L5H
#
_entry.id   7L5H
#
_cell.length_a   182.620
_cell.length_b   58.160
_cell.length_c   67.170
_cell.angle_alpha   90.000
_cell.angle_beta   95.310
_cell.angle_gamma   90.000
#
_symmetry.space_group_name_H-M   'C 1 2 1'
#
loop_
_entity.id
_entity.type
_entity.pdbx_description
1 polymer 'Tryptophan synthase alpha chain'
2 polymer 'Tryptophan synthase beta chain'
3 non-polymer 1,2-ETHANEDIOL
4 non-polymer 'CESIUM ION'
5 non-polymer 'CHLORIDE ION'
6 non-polymer (E)-N-({3-hydroxy-2-methyl-5-[(phosphonooxy)methyl]pyridin-4-yl}methylidene)-L-serine
7 non-polymer 'DIMETHYL SULFOXIDE'
8 water water
#
loop_
_entity_poly.entity_id
_entity_poly.type
_entity_poly.pdbx_seq_one_letter_code
_entity_poly.pdbx_strand_id
1 'polypeptide(L)'
;MERYENLFAQLNDRREGAFVPFVTLGDPGIEQSLKIIDTLIDAGADALELGVPFSDPLADGPTIQNANLRAFAAGVTPAQ
CFEMLALIREKHPTIPIGLLMYANLVFNNGIDAFYARCEQVGVDSVLVADVPVEESAPFRQAALRHNIAPIFICPPNADD
DLLRQVASYGRGYTYLLSRSGVTGAENRGALPLHHLIEKLKEYHAAPALQGFGISSPEQVSAAVRAGAAGAISGSAIVKI
IEKNLASPKQMLAELRSFVSAMKAASRA
;
A
2 'polypeptide(L)'
;MTTLLNPYFGEFGGMYVPQILMPALNQLEEAFVSAQKDPEFQAQFADLLKNYAGRPTALTKCQNITAGTRTTLYLKREDL
LHGGAHKTNQVLGQALLAKRMGKSEIIAETGAGQHGVASALASALLGLKCRIYMGAKDVERQSPNVFRMRLMGAEVIPVH
SGSATLKDACNEALRDWSGSYETAHYMLGTAAGPHPYPTIVREFQRMIGEETKAQILDKEGRLPDAVIACVGGGSNAIGM
FADFINDTSVGLIGVEPGGHGIETGEHGAPLKHGRVGIYFGMKAPMMQTADGQIEESYSISAGLDFPSVGPQHAYLNSIG
RADYVSITDDEALEAFKTLCRHEGIIPALESSHALAHALKMMREQPEKEQLLVVNLSGRGDKDIFTVHDILKARGEI
;
B
#
loop_
_chem_comp.id
_chem_comp.type
_chem_comp.name
_chem_comp.formula
CL non-polymer 'CHLORIDE ION' 'Cl -1'
CS non-polymer 'CESIUM ION' 'Cs 1'
DMS non-polymer 'DIMETHYL SULFOXIDE' 'C2 H6 O S'
EDO non-polymer 1,2-ETHANEDIOL 'C2 H6 O2'
KOU non-polymer (E)-N-({3-hydroxy-2-methyl-5-[(phosphonooxy)methyl]pyridin-4-yl}methylidene)-L-serine 'C11 H15 N2 O8 P'
#
# COMPACT_ATOMS: atom_id res chain seq x y z
N MET A 1 -14.68 -28.91 11.71
CA MET A 1 -15.92 -29.56 11.29
C MET A 1 -15.84 -30.07 9.87
N GLU A 2 -17.00 -30.30 9.26
CA GLU A 2 -17.09 -30.86 7.91
C GLU A 2 -18.19 -30.16 7.12
N ARG A 3 -18.33 -28.84 7.28
CA ARG A 3 -19.53 -28.19 6.76
C ARG A 3 -19.48 -28.01 5.25
N TYR A 4 -18.30 -27.72 4.69
CA TYR A 4 -18.22 -27.50 3.26
C TYR A 4 -18.40 -28.80 2.48
N GLU A 5 -17.83 -29.90 2.98
CA GLU A 5 -18.03 -31.19 2.31
C GLU A 5 -19.51 -31.52 2.20
N ASN A 6 -20.22 -31.48 3.34
CA ASN A 6 -21.61 -31.92 3.35
C ASN A 6 -22.48 -31.03 2.48
N LEU A 7 -22.19 -29.73 2.43
CA LEU A 7 -22.97 -28.83 1.59
C LEU A 7 -22.84 -29.21 0.12
N PHE A 8 -21.60 -29.44 -0.35
CA PHE A 8 -21.40 -29.75 -1.76
C PHE A 8 -21.91 -31.15 -2.11
N ALA A 9 -21.92 -32.08 -1.14
CA ALA A 9 -22.51 -33.38 -1.39
C ALA A 9 -24.03 -33.29 -1.52
N GLN A 10 -24.66 -32.35 -0.82
CA GLN A 10 -26.10 -32.17 -0.90
C GLN A 10 -26.51 -31.41 -2.15
N LEU A 11 -25.75 -30.39 -2.55
CA LEU A 11 -26.14 -29.65 -3.74
C LEU A 11 -25.89 -30.45 -5.01
N ASN A 12 -24.80 -31.23 -5.04
CA ASN A 12 -24.56 -32.17 -6.12
C ASN A 12 -25.75 -33.11 -6.34
N ASP A 13 -26.08 -33.88 -5.29
CA ASP A 13 -27.20 -34.81 -5.32
C ASP A 13 -28.55 -34.14 -5.48
N ARG A 14 -28.59 -32.81 -5.48
CA ARG A 14 -29.79 -32.06 -5.79
C ARG A 14 -29.76 -31.48 -7.19
N ARG A 15 -28.63 -31.60 -7.89
CA ARG A 15 -28.47 -31.07 -9.26
C ARG A 15 -28.63 -29.55 -9.27
N GLU A 16 -27.98 -28.88 -8.32
CA GLU A 16 -28.08 -27.44 -8.20
C GLU A 16 -26.72 -26.89 -7.80
N GLY A 17 -26.44 -25.67 -8.23
CA GLY A 17 -25.22 -25.03 -7.81
C GLY A 17 -25.36 -24.40 -6.43
N ALA A 18 -24.22 -23.96 -5.90
CA ALA A 18 -24.20 -23.23 -4.63
C ALA A 18 -24.38 -21.74 -4.91
N PHE A 19 -25.26 -21.11 -4.16
CA PHE A 19 -25.32 -19.65 -4.18
C PHE A 19 -24.77 -19.13 -2.87
N VAL A 20 -23.71 -18.34 -2.97
CA VAL A 20 -22.99 -17.81 -1.83
C VAL A 20 -23.05 -16.28 -1.91
N PRO A 21 -23.89 -15.64 -1.11
CA PRO A 21 -23.90 -14.18 -1.05
C PRO A 21 -22.74 -13.65 -0.22
N PHE A 22 -22.23 -12.48 -0.62
CA PHE A 22 -21.33 -11.71 0.21
C PHE A 22 -22.06 -10.55 0.86
N VAL A 23 -21.70 -10.25 2.11
CA VAL A 23 -22.21 -9.08 2.81
C VAL A 23 -21.24 -8.75 3.93
N THR A 24 -21.01 -7.46 4.14
CA THR A 24 -20.09 -7.02 5.18
C THR A 24 -20.81 -6.99 6.52
N LEU A 25 -20.18 -7.55 7.55
CA LEU A 25 -20.79 -7.61 8.86
C LEU A 25 -20.95 -6.21 9.44
N GLY A 26 -22.11 -5.96 10.06
CA GLY A 26 -22.41 -4.67 10.64
C GLY A 26 -22.88 -3.62 9.66
N ASP A 27 -23.23 -4.02 8.44
CA ASP A 27 -23.69 -3.10 7.41
C ASP A 27 -25.21 -3.16 7.36
N PRO A 28 -25.93 -2.08 7.73
CA PRO A 28 -25.47 -0.77 8.18
C PRO A 28 -25.40 -0.63 9.71
N GLY A 29 -25.93 -1.62 10.43
CA GLY A 29 -25.84 -1.67 11.87
C GLY A 29 -25.76 -3.13 12.30
N ILE A 30 -25.47 -3.35 13.58
CA ILE A 30 -25.22 -4.71 14.07
C ILE A 30 -26.50 -5.53 14.04
N GLU A 31 -27.53 -5.10 14.77
CA GLU A 31 -28.79 -5.86 14.78
C GLU A 31 -29.47 -5.80 13.43
N GLN A 32 -29.28 -4.70 12.69
CA GLN A 32 -29.75 -4.64 11.32
C GLN A 32 -29.05 -5.69 10.47
N SER A 33 -27.72 -5.78 10.56
CA SER A 33 -26.96 -6.76 9.78
C SER A 33 -27.40 -8.20 10.09
N LEU A 34 -27.62 -8.50 11.37
CA LEU A 34 -28.03 -9.85 11.75
C LEU A 34 -29.34 -10.25 11.08
N LYS A 35 -30.26 -9.30 10.94
CA LYS A 35 -31.53 -9.57 10.27
C LYS A 35 -31.34 -9.74 8.77
N ILE A 36 -30.40 -8.98 8.18
CA ILE A 36 -30.05 -9.19 6.78
C ILE A 36 -29.56 -10.62 6.56
N ILE A 37 -28.61 -11.07 7.38
CA ILE A 37 -27.99 -12.38 7.20
C ILE A 37 -29.01 -13.49 7.43
N ASP A 38 -29.85 -13.34 8.45
CA ASP A 38 -30.96 -14.29 8.62
C ASP A 38 -31.83 -14.34 7.37
N THR A 39 -32.09 -13.19 6.76
CA THR A 39 -32.94 -13.16 5.57
C THR A 39 -32.25 -13.74 4.35
N LEU A 40 -30.93 -13.55 4.21
CA LEU A 40 -30.23 -14.22 3.13
C LEU A 40 -30.30 -15.74 3.30
N ILE A 41 -30.25 -16.22 4.55
CA ILE A 41 -30.32 -17.65 4.81
C ILE A 41 -31.74 -18.17 4.56
N ASP A 42 -32.76 -17.43 4.99
CA ASP A 42 -34.13 -17.89 4.84
C ASP A 42 -34.46 -18.16 3.39
N ALA A 43 -33.98 -17.32 2.48
CA ALA A 43 -34.26 -17.43 1.07
C ALA A 43 -33.36 -18.44 0.35
N GLY A 44 -32.53 -19.17 1.08
CA GLY A 44 -31.80 -20.29 0.52
C GLY A 44 -30.35 -20.05 0.16
N ALA A 45 -29.67 -19.09 0.78
CA ALA A 45 -28.22 -19.03 0.63
C ALA A 45 -27.62 -20.33 1.12
N ASP A 46 -26.77 -20.94 0.28
CA ASP A 46 -26.17 -22.22 0.62
C ASP A 46 -24.97 -22.07 1.54
N ALA A 47 -24.31 -20.92 1.48
CA ALA A 47 -23.21 -20.61 2.36
C ALA A 47 -23.13 -19.10 2.46
N LEU A 48 -22.22 -18.63 3.31
CA LEU A 48 -22.03 -17.20 3.50
C LEU A 48 -20.57 -16.85 3.29
N GLU A 49 -20.35 -15.73 2.62
CA GLU A 49 -19.06 -15.07 2.57
C GLU A 49 -19.26 -13.73 3.28
N LEU A 50 -18.52 -13.51 4.36
CA LEU A 50 -18.76 -12.37 5.23
C LEU A 50 -17.48 -11.57 5.40
N GLY A 51 -17.57 -10.26 5.20
CA GLY A 51 -16.44 -9.37 5.30
C GLY A 51 -16.41 -8.68 6.65
N VAL A 52 -15.21 -8.44 7.14
CA VAL A 52 -14.99 -7.64 8.34
C VAL A 52 -14.52 -6.25 7.89
N PRO A 53 -15.19 -5.18 8.31
CA PRO A 53 -14.83 -3.84 7.82
C PRO A 53 -13.40 -3.51 8.16
N PHE A 54 -12.63 -3.11 7.13
CA PHE A 54 -11.23 -2.79 7.25
C PHE A 54 -10.99 -1.34 6.85
N SER A 55 -9.92 -0.76 7.41
CA SER A 55 -9.66 0.68 7.27
C SER A 55 -9.41 1.08 5.83
N ASP A 56 -8.68 0.25 5.08
CA ASP A 56 -8.21 0.61 3.74
C ASP A 56 -8.36 -0.61 2.85
N PRO A 57 -9.55 -0.82 2.31
CA PRO A 57 -9.85 -2.04 1.52
C PRO A 57 -9.32 -1.94 0.09
N LEU A 58 -7.99 -2.04 -0.05
CA LEU A 58 -7.33 -1.79 -1.35
C LEU A 58 -7.64 -2.84 -2.39
N ALA A 59 -8.53 -3.79 -2.15
CA ALA A 59 -8.97 -4.72 -3.19
C ALA A 59 -10.49 -4.78 -3.28
N ASP A 60 -11.16 -3.64 -3.02
CA ASP A 60 -12.62 -3.58 -2.99
C ASP A 60 -13.12 -2.31 -3.66
N GLY A 61 -14.23 -2.44 -4.40
CA GLY A 61 -14.82 -1.31 -5.07
C GLY A 61 -15.50 -0.36 -4.09
N PRO A 62 -16.06 0.73 -4.63
CA PRO A 62 -16.66 1.75 -3.75
C PRO A 62 -17.89 1.25 -3.02
N THR A 63 -18.61 0.26 -3.56
CA THR A 63 -19.80 -0.24 -2.86
C THR A 63 -19.40 -0.83 -1.51
N ILE A 64 -18.36 -1.67 -1.49
CA ILE A 64 -17.90 -2.24 -0.24
C ILE A 64 -17.18 -1.21 0.62
N GLN A 65 -16.50 -0.24 -0.01
CA GLN A 65 -15.89 0.84 0.75
C GLN A 65 -16.93 1.54 1.62
N ASN A 66 -18.02 2.00 1.01
CA ASN A 66 -19.06 2.65 1.78
C ASN A 66 -19.75 1.66 2.71
N ALA A 67 -19.88 0.40 2.28
CA ALA A 67 -20.36 -0.63 3.18
C ALA A 67 -19.53 -0.66 4.46
N ASN A 68 -18.21 -0.53 4.32
CA ASN A 68 -17.34 -0.51 5.49
C ASN A 68 -17.53 0.77 6.30
N LEU A 69 -17.54 1.92 5.63
CA LEU A 69 -17.72 3.18 6.35
C LEU A 69 -19.09 3.24 7.01
N ARG A 70 -20.09 2.58 6.40
CA ARG A 70 -21.39 2.44 7.06
C ARG A 70 -21.25 1.72 8.40
N ALA A 71 -20.45 0.64 8.43
CA ALA A 71 -20.28 -0.13 9.65
C ALA A 71 -19.45 0.63 10.68
N PHE A 72 -18.39 1.31 10.23
CA PHE A 72 -17.60 2.13 11.15
C PHE A 72 -18.44 3.27 11.71
N ALA A 73 -19.31 3.88 10.89
CA ALA A 73 -20.27 4.85 11.41
C ALA A 73 -21.17 4.20 12.47
N ALA A 74 -21.52 2.93 12.27
CA ALA A 74 -22.24 2.18 13.29
C ALA A 74 -21.37 1.87 14.49
N GLY A 75 -20.05 2.00 14.36
CA GLY A 75 -19.14 1.60 15.42
C GLY A 75 -18.79 0.13 15.40
N VAL A 76 -18.78 -0.48 14.22
CA VAL A 76 -18.53 -1.92 14.10
C VAL A 76 -17.03 -2.18 14.15
N THR A 77 -16.62 -3.01 15.10
CA THR A 77 -15.23 -3.40 15.26
C THR A 77 -15.06 -4.87 14.91
N PRO A 78 -13.84 -5.32 14.61
CA PRO A 78 -13.62 -6.77 14.47
C PRO A 78 -14.16 -7.56 15.65
N ALA A 79 -13.94 -7.07 16.88
CA ALA A 79 -14.46 -7.77 18.05
C ALA A 79 -15.97 -7.94 17.98
N GLN A 80 -16.70 -6.89 17.57
CA GLN A 80 -18.16 -6.98 17.45
C GLN A 80 -18.57 -7.94 16.34
N CYS A 81 -17.80 -8.02 15.26
CA CYS A 81 -18.12 -8.97 14.21
C CYS A 81 -18.06 -10.41 14.72
N PHE A 82 -17.02 -10.73 15.50
CA PHE A 82 -16.91 -12.08 16.04
C PHE A 82 -18.04 -12.41 17.01
N GLU A 83 -18.58 -11.39 17.71
CA GLU A 83 -19.76 -11.65 18.53
C GLU A 83 -20.99 -11.85 17.65
N MET A 84 -21.04 -11.18 16.51
CA MET A 84 -22.08 -11.48 15.53
C MET A 84 -21.91 -12.89 15.00
N LEU A 85 -20.68 -13.26 14.63
CA LEU A 85 -20.42 -14.57 14.03
C LEU A 85 -20.83 -15.71 14.97
N ALA A 86 -20.55 -15.57 16.26
CA ALA A 86 -20.96 -16.60 17.20
C ALA A 86 -22.48 -16.67 17.31
N LEU A 87 -23.15 -15.53 17.11
CA LEU A 87 -24.61 -15.51 17.18
C LEU A 87 -25.24 -16.11 15.94
N ILE A 88 -24.56 -16.00 14.79
CA ILE A 88 -25.10 -16.54 13.55
C ILE A 88 -24.92 -18.06 13.51
N ARG A 89 -23.75 -18.55 13.96
CA ARG A 89 -23.52 -19.99 14.01
C ARG A 89 -24.45 -20.66 15.02
N GLU A 90 -24.77 -19.96 16.11
CA GLU A 90 -25.67 -20.52 17.10
C GLU A 90 -27.10 -20.64 16.60
N LYS A 91 -27.47 -19.85 15.60
CA LYS A 91 -28.78 -19.99 14.98
C LYS A 91 -28.78 -21.00 13.85
N HIS A 92 -27.64 -21.19 13.19
CA HIS A 92 -27.57 -21.90 11.91
C HIS A 92 -26.41 -22.90 11.97
N PRO A 93 -26.67 -24.12 12.44
CA PRO A 93 -25.56 -25.04 12.74
C PRO A 93 -24.86 -25.60 11.51
N THR A 94 -25.53 -25.65 10.35
CA THR A 94 -24.99 -26.37 9.21
C THR A 94 -24.47 -25.49 8.10
N ILE A 95 -24.86 -24.22 8.06
CA ILE A 95 -24.48 -23.37 6.93
C ILE A 95 -22.97 -23.08 7.00
N PRO A 96 -22.22 -23.31 5.93
CA PRO A 96 -20.82 -22.89 5.92
C PRO A 96 -20.71 -21.37 5.97
N ILE A 97 -19.86 -20.89 6.88
CA ILE A 97 -19.59 -19.47 7.06
C ILE A 97 -18.14 -19.24 6.68
N GLY A 98 -17.92 -18.41 5.67
CA GLY A 98 -16.59 -18.07 5.21
C GLY A 98 -16.33 -16.58 5.44
N LEU A 99 -15.11 -16.25 5.84
CA LEU A 99 -14.71 -14.88 6.02
C LEU A 99 -13.84 -14.42 4.85
N LEU A 100 -14.04 -13.18 4.44
CA LEU A 100 -13.16 -12.50 3.50
C LEU A 100 -12.51 -11.39 4.30
N MET A 101 -11.22 -11.54 4.58
CA MET A 101 -10.47 -10.68 5.47
C MET A 101 -9.38 -9.96 4.71
N TYR A 102 -8.90 -8.87 5.31
CA TYR A 102 -7.64 -8.30 4.91
C TYR A 102 -6.54 -8.77 5.86
N ALA A 103 -5.34 -8.94 5.29
CA ALA A 103 -4.25 -9.56 6.02
C ALA A 103 -3.95 -8.88 7.35
N ASN A 104 -4.09 -7.56 7.42
CA ASN A 104 -3.70 -6.90 8.66
C ASN A 104 -4.62 -7.28 9.79
N LEU A 105 -5.93 -7.43 9.51
CA LEU A 105 -6.86 -7.84 10.55
C LEU A 105 -6.59 -9.27 11.03
N VAL A 106 -6.01 -10.12 10.16
CA VAL A 106 -5.64 -11.47 10.59
C VAL A 106 -4.32 -11.44 11.37
N PHE A 107 -3.36 -10.66 10.87
CA PHE A 107 -2.02 -10.65 11.42
C PHE A 107 -1.95 -9.83 12.71
N ASN A 108 -2.91 -8.91 12.91
CA ASN A 108 -2.78 -7.85 13.89
C ASN A 108 -2.39 -8.36 15.27
N ASN A 109 -3.25 -9.19 15.87
CA ASN A 109 -3.00 -9.65 17.23
C ASN A 109 -2.50 -11.09 17.27
N GLY A 110 -1.92 -11.57 16.18
CA GLY A 110 -1.44 -12.94 16.14
C GLY A 110 -2.24 -13.77 15.17
N ILE A 111 -1.55 -14.37 14.18
CA ILE A 111 -2.25 -15.13 13.15
C ILE A 111 -2.92 -16.35 13.78
N ASP A 112 -2.20 -17.08 14.63
CA ASP A 112 -2.82 -18.22 15.26
C ASP A 112 -3.99 -17.81 16.13
N ALA A 113 -3.89 -16.64 16.78
CA ALA A 113 -4.97 -16.20 17.66
C ALA A 113 -6.23 -15.86 16.88
N PHE A 114 -6.09 -15.25 15.71
CA PHE A 114 -7.24 -14.98 14.85
C PHE A 114 -7.97 -16.26 14.44
N TYR A 115 -7.23 -17.24 13.92
CA TYR A 115 -7.88 -18.47 13.47
C TYR A 115 -8.42 -19.27 14.64
N ALA A 116 -7.76 -19.20 15.79
CA ALA A 116 -8.33 -19.79 16.99
C ALA A 116 -9.68 -19.15 17.28
N ARG A 117 -9.75 -17.84 17.21
CA ARG A 117 -11.01 -17.14 17.40
C ARG A 117 -12.04 -17.56 16.36
N CYS A 118 -11.61 -17.85 15.13
CA CYS A 118 -12.55 -18.26 14.10
C CYS A 118 -13.19 -19.60 14.45
N GLU A 119 -12.38 -20.56 14.88
CA GLU A 119 -12.90 -21.85 15.28
C GLU A 119 -13.87 -21.70 16.45
N GLN A 120 -13.50 -20.86 17.41
CA GLN A 120 -14.29 -20.66 18.62
C GLN A 120 -15.71 -20.20 18.29
N VAL A 121 -15.88 -19.38 17.26
CA VAL A 121 -17.20 -18.88 16.90
C VAL A 121 -17.87 -19.71 15.80
N GLY A 122 -17.18 -20.70 15.25
CA GLY A 122 -17.78 -21.61 14.29
C GLY A 122 -17.54 -21.26 12.83
N VAL A 123 -16.58 -20.39 12.54
CA VAL A 123 -16.26 -20.07 11.16
C VAL A 123 -15.70 -21.32 10.47
N ASP A 124 -15.99 -21.46 9.16
CA ASP A 124 -15.52 -22.60 8.39
C ASP A 124 -14.32 -22.30 7.50
N SER A 125 -14.17 -21.07 7.00
CA SER A 125 -13.10 -20.78 6.06
C SER A 125 -12.70 -19.33 6.14
N VAL A 126 -11.49 -19.03 5.69
CA VAL A 126 -11.02 -17.65 5.61
C VAL A 126 -10.26 -17.48 4.29
N LEU A 127 -10.71 -16.51 3.49
CA LEU A 127 -9.95 -16.02 2.35
C LEU A 127 -9.33 -14.70 2.76
N VAL A 128 -8.00 -14.62 2.73
CA VAL A 128 -7.29 -13.37 2.97
C VAL A 128 -7.02 -12.74 1.62
N ALA A 129 -7.65 -11.58 1.37
CA ALA A 129 -7.72 -11.04 0.02
C ALA A 129 -6.35 -10.64 -0.53
N ASP A 130 -5.45 -10.17 0.33
CA ASP A 130 -4.15 -9.65 -0.10
C ASP A 130 -3.01 -10.55 0.32
N VAL A 131 -3.27 -11.84 0.44
CA VAL A 131 -2.26 -12.84 0.71
C VAL A 131 -2.26 -13.84 -0.43
N PRO A 132 -1.33 -13.72 -1.38
CA PRO A 132 -1.23 -14.73 -2.43
C PRO A 132 -0.66 -16.03 -1.88
N VAL A 133 -0.81 -17.12 -2.65
CA VAL A 133 -0.35 -18.42 -2.17
C VAL A 133 1.13 -18.36 -1.84
N GLU A 134 1.89 -17.49 -2.51
CA GLU A 134 3.31 -17.37 -2.24
C GLU A 134 3.57 -16.87 -0.83
N GLU A 135 2.64 -16.12 -0.25
CA GLU A 135 2.83 -15.57 1.09
C GLU A 135 1.98 -16.30 2.12
N SER A 136 1.37 -17.43 1.76
CA SER A 136 0.26 -17.96 2.53
C SER A 136 0.67 -18.92 3.64
N ALA A 137 1.92 -19.40 3.67
CA ALA A 137 2.28 -20.51 4.56
C ALA A 137 1.84 -20.32 6.01
N PRO A 138 2.16 -19.23 6.72
CA PRO A 138 1.69 -19.12 8.11
C PRO A 138 0.19 -18.96 8.21
N PHE A 139 -0.48 -18.48 7.18
CA PHE A 139 -1.92 -18.35 7.28
C PHE A 139 -2.61 -19.70 7.13
N ARG A 140 -2.22 -20.47 6.12
CA ARG A 140 -2.93 -21.73 5.94
C ARG A 140 -2.53 -22.77 6.98
N GLN A 141 -1.39 -22.61 7.65
CA GLN A 141 -1.08 -23.52 8.75
C GLN A 141 -1.94 -23.20 9.98
N ALA A 142 -2.03 -21.92 10.33
CA ALA A 142 -2.90 -21.54 11.44
C ALA A 142 -4.34 -21.90 11.13
N ALA A 143 -4.76 -21.74 9.87
CA ALA A 143 -6.10 -22.16 9.48
C ALA A 143 -6.30 -23.65 9.72
N LEU A 144 -5.41 -24.48 9.16
CA LEU A 144 -5.60 -25.91 9.28
C LEU A 144 -5.44 -26.40 10.72
N ARG A 145 -4.62 -25.71 11.53
CA ARG A 145 -4.50 -26.05 12.94
C ARG A 145 -5.81 -25.89 13.68
N HIS A 146 -6.64 -24.95 13.26
CA HIS A 146 -7.89 -24.67 13.96
C HIS A 146 -9.10 -25.09 13.14
N ASN A 147 -8.93 -26.05 12.22
CA ASN A 147 -10.05 -26.64 11.48
C ASN A 147 -10.80 -25.58 10.66
N ILE A 148 -10.05 -24.61 10.14
CA ILE A 148 -10.54 -23.59 9.24
C ILE A 148 -10.00 -23.89 7.85
N ALA A 149 -10.86 -23.80 6.84
CA ALA A 149 -10.41 -23.99 5.47
C ALA A 149 -9.79 -22.70 4.94
N PRO A 150 -8.54 -22.72 4.48
CA PRO A 150 -7.99 -21.54 3.78
C PRO A 150 -8.45 -21.53 2.33
N ILE A 151 -9.08 -20.41 1.93
CA ILE A 151 -9.59 -20.22 0.56
C ILE A 151 -8.58 -19.41 -0.24
N PHE A 152 -8.35 -19.79 -1.49
CA PHE A 152 -7.49 -19.05 -2.39
C PHE A 152 -8.21 -18.70 -3.68
N ILE A 153 -7.97 -17.49 -4.17
CA ILE A 153 -8.52 -17.03 -5.44
C ILE A 153 -7.73 -17.64 -6.59
N CYS A 154 -8.44 -18.20 -7.57
CA CYS A 154 -7.85 -18.67 -8.80
C CYS A 154 -8.07 -17.60 -9.86
N PRO A 155 -7.08 -16.76 -10.14
CA PRO A 155 -7.33 -15.59 -10.98
C PRO A 155 -7.49 -15.97 -12.44
N PRO A 156 -8.04 -15.07 -13.27
CA PRO A 156 -8.12 -15.37 -14.71
C PRO A 156 -6.76 -15.57 -15.34
N ASN A 157 -5.75 -14.83 -14.90
CA ASN A 157 -4.39 -14.99 -15.41
C ASN A 157 -3.61 -16.03 -14.60
N ALA A 158 -4.20 -17.21 -14.44
CA ALA A 158 -3.57 -18.29 -13.68
C ALA A 158 -2.68 -19.11 -14.59
N ASP A 159 -1.43 -19.33 -14.16
CA ASP A 159 -0.55 -20.26 -14.83
C ASP A 159 -0.65 -21.63 -14.14
N ASP A 160 0.08 -22.62 -14.66
CA ASP A 160 -0.14 -23.98 -14.19
C ASP A 160 0.39 -24.21 -12.78
N ASP A 161 1.55 -23.61 -12.46
CA ASP A 161 2.08 -23.74 -11.10
C ASP A 161 1.07 -23.19 -10.09
N LEU A 162 0.48 -22.03 -10.37
CA LEU A 162 -0.54 -21.50 -9.50
C LEU A 162 -1.70 -22.48 -9.34
N LEU A 163 -2.14 -23.10 -10.45
CA LEU A 163 -3.28 -24.01 -10.37
C LEU A 163 -3.04 -25.15 -9.40
N ARG A 164 -1.85 -25.74 -9.48
CA ARG A 164 -1.53 -26.89 -8.59
C ARG A 164 -1.37 -26.42 -7.16
N GLN A 165 -0.74 -25.27 -6.96
CA GLN A 165 -0.58 -24.75 -5.61
C GLN A 165 -1.94 -24.47 -4.97
N VAL A 166 -2.85 -23.86 -5.73
CA VAL A 166 -4.20 -23.61 -5.23
C VAL A 166 -4.90 -24.93 -4.92
N ALA A 167 -4.74 -25.91 -5.81
CA ALA A 167 -5.32 -27.24 -5.56
C ALA A 167 -4.75 -27.86 -4.29
N SER A 168 -3.44 -27.75 -4.10
CA SER A 168 -2.79 -28.37 -2.95
C SER A 168 -3.03 -27.61 -1.66
N TYR A 169 -2.88 -26.28 -1.67
CA TYR A 169 -2.97 -25.49 -0.44
C TYR A 169 -4.40 -25.20 0.01
N GLY A 170 -5.37 -25.18 -0.92
CA GLY A 170 -6.70 -24.70 -0.60
C GLY A 170 -7.64 -25.79 -0.12
N ARG A 171 -8.51 -25.42 0.82
CA ARG A 171 -9.55 -26.31 1.32
C ARG A 171 -10.92 -25.66 1.11
N GLY A 172 -11.96 -26.47 1.24
CA GLY A 172 -13.32 -25.96 1.22
C GLY A 172 -13.87 -25.69 -0.16
N TYR A 173 -13.42 -24.59 -0.76
CA TYR A 173 -13.85 -24.22 -2.13
C TYR A 173 -12.84 -23.29 -2.80
N THR A 174 -12.83 -23.30 -4.12
CA THR A 174 -11.90 -22.47 -4.91
C THR A 174 -12.65 -21.25 -5.43
N TYR A 175 -12.08 -20.07 -5.23
CA TYR A 175 -12.74 -18.82 -5.64
C TYR A 175 -12.27 -18.42 -7.03
N LEU A 176 -13.05 -18.76 -8.07
CA LEU A 176 -12.68 -18.44 -9.47
C LEU A 176 -12.91 -16.95 -9.67
N LEU A 177 -11.85 -16.18 -9.92
CA LEU A 177 -12.01 -14.72 -10.05
C LEU A 177 -12.80 -14.35 -11.31
N HIS A 194 -13.26 -21.54 -18.59
CA HIS A 194 -13.48 -22.85 -19.21
C HIS A 194 -12.23 -23.70 -19.10
N HIS A 195 -11.09 -23.12 -19.51
CA HIS A 195 -9.83 -23.83 -19.42
C HIS A 195 -9.41 -24.04 -17.97
N LEU A 196 -9.80 -23.14 -17.07
CA LEU A 196 -9.37 -23.26 -15.67
C LEU A 196 -10.23 -24.24 -14.90
N ILE A 197 -11.54 -24.24 -15.15
CA ILE A 197 -12.44 -25.23 -14.52
C ILE A 197 -11.96 -26.63 -14.84
N GLU A 198 -11.50 -26.83 -16.09
CA GLU A 198 -10.78 -28.03 -16.49
C GLU A 198 -9.75 -28.44 -15.44
N LYS A 199 -8.80 -27.55 -15.19
CA LYS A 199 -7.53 -27.91 -14.58
C LYS A 199 -7.56 -27.88 -13.06
N LEU A 200 -8.64 -27.43 -12.43
CA LEU A 200 -8.71 -27.57 -10.97
C LEU A 200 -9.36 -28.89 -10.59
N LYS A 201 -10.39 -29.29 -11.33
CA LYS A 201 -10.88 -30.66 -11.22
C LYS A 201 -9.79 -31.68 -11.53
N GLU A 202 -8.78 -31.26 -12.31
CA GLU A 202 -7.53 -31.98 -12.52
C GLU A 202 -6.92 -32.54 -11.24
N TYR A 203 -6.54 -31.63 -10.33
CA TYR A 203 -5.55 -31.93 -9.30
C TYR A 203 -6.14 -31.96 -7.90
N HIS A 204 -7.35 -32.50 -7.77
CA HIS A 204 -8.02 -32.66 -6.47
C HIS A 204 -8.21 -31.31 -5.78
N ALA A 205 -8.62 -30.31 -6.55
CA ALA A 205 -8.88 -28.99 -6.02
C ALA A 205 -10.34 -28.87 -5.57
N ALA A 206 -10.54 -28.17 -4.47
CA ALA A 206 -11.85 -27.93 -3.88
C ALA A 206 -12.80 -27.31 -4.91
N PRO A 207 -14.11 -27.47 -4.73
CA PRO A 207 -15.06 -27.04 -5.78
C PRO A 207 -14.96 -25.55 -6.11
N ALA A 208 -14.90 -25.26 -7.40
CA ALA A 208 -14.78 -23.89 -7.86
C ALA A 208 -16.13 -23.18 -7.80
N LEU A 209 -16.09 -21.91 -7.40
CA LEU A 209 -17.26 -21.05 -7.37
C LEU A 209 -16.92 -19.75 -8.10
N GLN A 210 -17.76 -19.36 -9.06
CA GLN A 210 -17.49 -18.14 -9.83
C GLN A 210 -17.90 -16.91 -9.02
N GLY A 211 -17.05 -15.88 -9.06
CA GLY A 211 -17.33 -14.66 -8.32
C GLY A 211 -17.19 -13.38 -9.12
N PHE A 212 -16.99 -13.47 -10.43
CA PHE A 212 -16.79 -12.30 -11.28
C PHE A 212 -18.12 -11.88 -11.88
N GLY A 213 -18.68 -10.78 -11.38
CA GLY A 213 -19.83 -10.14 -11.99
C GLY A 213 -21.13 -10.91 -11.85
N ILE A 214 -21.46 -11.34 -10.64
CA ILE A 214 -22.73 -12.03 -10.40
C ILE A 214 -23.66 -11.09 -9.64
N SER A 215 -24.48 -10.34 -10.38
CA SER A 215 -25.47 -9.43 -9.81
C SER A 215 -26.83 -9.59 -10.45
N SER A 216 -27.04 -10.67 -11.20
CA SER A 216 -28.30 -10.98 -11.87
C SER A 216 -28.55 -12.46 -11.67
N PRO A 217 -29.82 -12.89 -11.78
CA PRO A 217 -30.08 -14.33 -11.88
C PRO A 217 -29.46 -14.94 -13.13
N GLU A 218 -29.35 -14.15 -14.21
CA GLU A 218 -28.88 -14.63 -15.51
C GLU A 218 -27.37 -14.80 -15.59
N GLN A 219 -26.62 -14.32 -14.61
CA GLN A 219 -25.20 -14.64 -14.53
C GLN A 219 -24.89 -15.74 -13.54
N VAL A 220 -25.80 -16.02 -12.61
CA VAL A 220 -25.69 -17.23 -11.78
C VAL A 220 -25.85 -18.47 -12.65
N SER A 221 -26.99 -18.56 -13.35
CA SER A 221 -27.29 -19.65 -14.24
C SER A 221 -26.10 -20.01 -15.13
N ALA A 222 -25.57 -19.01 -15.84
CA ALA A 222 -24.46 -19.24 -16.75
C ALA A 222 -23.26 -19.82 -16.02
N ALA A 223 -22.99 -19.35 -14.80
CA ALA A 223 -21.82 -19.85 -14.07
C ALA A 223 -22.00 -21.30 -13.68
N VAL A 224 -23.22 -21.68 -13.29
CA VAL A 224 -23.50 -23.09 -13.03
C VAL A 224 -23.40 -23.89 -14.32
N ARG A 225 -23.78 -23.29 -15.44
CA ARG A 225 -23.77 -24.00 -16.72
C ARG A 225 -22.36 -24.39 -17.15
N ALA A 226 -21.35 -23.59 -16.80
CA ALA A 226 -20.00 -23.82 -17.28
C ALA A 226 -19.24 -24.87 -16.49
N GLY A 227 -19.87 -25.54 -15.54
CA GLY A 227 -19.23 -26.60 -14.78
C GLY A 227 -18.81 -26.23 -13.38
N ALA A 228 -19.06 -25.00 -12.94
CA ALA A 228 -18.70 -24.62 -11.58
C ALA A 228 -19.65 -25.27 -10.59
N ALA A 229 -19.23 -25.30 -9.33
CA ALA A 229 -20.07 -25.82 -8.27
C ALA A 229 -20.93 -24.74 -7.62
N GLY A 230 -20.78 -23.49 -8.02
CA GLY A 230 -21.56 -22.43 -7.43
C GLY A 230 -21.14 -21.08 -7.94
N ALA A 231 -21.68 -20.03 -7.31
CA ALA A 231 -21.40 -18.66 -7.68
C ALA A 231 -21.49 -17.77 -6.44
N ILE A 232 -20.62 -16.76 -6.38
CA ILE A 232 -20.56 -15.83 -5.25
C ILE A 232 -20.92 -14.44 -5.76
N SER A 233 -21.90 -13.80 -5.11
CA SER A 233 -22.32 -12.46 -5.49
C SER A 233 -21.49 -11.48 -4.68
N GLY A 234 -20.30 -11.17 -5.21
CA GLY A 234 -19.31 -10.40 -4.48
C GLY A 234 -19.78 -9.04 -4.03
N SER A 235 -20.84 -8.51 -4.63
CA SER A 235 -21.50 -7.29 -4.19
C SER A 235 -22.76 -7.12 -5.02
N ALA A 236 -23.42 -5.97 -4.82
CA ALA A 236 -24.73 -5.53 -5.28
C ALA A 236 -25.84 -6.14 -4.43
N ILE A 237 -25.53 -7.09 -3.54
CA ILE A 237 -26.34 -7.28 -2.36
C ILE A 237 -26.10 -6.14 -1.39
N VAL A 238 -24.86 -5.66 -1.34
CA VAL A 238 -24.54 -4.45 -0.58
C VAL A 238 -25.06 -3.20 -1.28
N LYS A 239 -25.36 -3.29 -2.58
CA LYS A 239 -26.08 -2.20 -3.24
C LYS A 239 -27.53 -2.15 -2.80
N ILE A 240 -28.10 -3.31 -2.47
CA ILE A 240 -29.45 -3.33 -1.91
C ILE A 240 -29.47 -2.65 -0.55
N ILE A 241 -28.46 -2.93 0.28
CA ILE A 241 -28.37 -2.26 1.58
C ILE A 241 -28.18 -0.76 1.38
N GLU A 242 -27.36 -0.37 0.40
CA GLU A 242 -27.14 1.04 0.12
C GLU A 242 -28.43 1.72 -0.35
N LYS A 243 -29.16 1.06 -1.25
CA LYS A 243 -30.37 1.65 -1.83
C LYS A 243 -31.49 1.84 -0.82
N ASN A 244 -31.40 1.23 0.36
CA ASN A 244 -32.53 1.21 1.28
C ASN A 244 -32.07 1.45 2.71
N LEU A 245 -31.11 2.35 2.91
CA LEU A 245 -30.67 2.66 4.27
C LEU A 245 -31.80 3.23 5.11
N ALA A 246 -32.53 4.22 4.56
CA ALA A 246 -33.61 4.85 5.31
C ALA A 246 -34.85 3.95 5.42
N SER A 247 -34.94 2.91 4.60
CA SER A 247 -36.12 2.04 4.58
C SER A 247 -35.76 0.64 5.08
N PRO A 248 -35.53 0.46 6.40
CA PRO A 248 -35.09 -0.85 6.90
C PRO A 248 -36.01 -1.99 6.48
N LYS A 249 -37.29 -1.89 6.83
CA LYS A 249 -38.25 -2.95 6.50
C LYS A 249 -38.25 -3.23 5.00
N GLN A 250 -38.25 -2.19 4.17
CA GLN A 250 -38.24 -2.41 2.72
C GLN A 250 -36.90 -2.96 2.26
N MET A 251 -35.82 -2.66 2.98
CA MET A 251 -34.53 -3.24 2.63
C MET A 251 -34.56 -4.77 2.76
N LEU A 252 -35.19 -5.30 3.82
CA LEU A 252 -35.23 -6.75 4.03
C LEU A 252 -36.00 -7.44 2.92
N ALA A 253 -37.22 -6.96 2.63
CA ALA A 253 -38.05 -7.58 1.59
C ALA A 253 -37.34 -7.53 0.25
N GLU A 254 -36.78 -6.38 -0.10
CA GLU A 254 -36.04 -6.26 -1.36
C GLU A 254 -34.84 -7.19 -1.38
N LEU A 255 -34.25 -7.46 -0.22
CA LEU A 255 -33.12 -8.40 -0.15
C LEU A 255 -33.57 -9.82 -0.45
N ARG A 256 -34.65 -10.28 0.18
CA ARG A 256 -35.16 -11.62 -0.12
C ARG A 256 -35.60 -11.73 -1.56
N SER A 257 -36.21 -10.68 -2.11
CA SER A 257 -36.63 -10.70 -3.51
C SER A 257 -35.46 -11.05 -4.42
N PHE A 258 -34.29 -10.47 -4.13
CA PHE A 258 -33.05 -10.76 -4.85
C PHE A 258 -32.58 -12.20 -4.68
N VAL A 259 -32.22 -12.56 -3.44
CA VAL A 259 -31.51 -13.81 -3.20
C VAL A 259 -32.37 -15.00 -3.57
N SER A 260 -33.69 -14.93 -3.32
CA SER A 260 -34.58 -15.97 -3.80
C SER A 260 -34.48 -16.13 -5.30
N ALA A 261 -34.50 -15.00 -6.03
CA ALA A 261 -34.39 -15.06 -7.48
C ALA A 261 -33.05 -15.65 -7.90
N MET A 262 -31.95 -15.19 -7.27
CA MET A 262 -30.64 -15.70 -7.61
C MET A 262 -30.50 -17.18 -7.26
N LYS A 263 -30.99 -17.59 -6.09
CA LYS A 263 -30.97 -19.00 -5.74
C LYS A 263 -31.92 -19.80 -6.63
N ALA A 264 -33.01 -19.18 -7.10
CA ALA A 264 -33.86 -19.87 -8.07
C ALA A 264 -33.09 -20.18 -9.35
N ALA A 265 -32.19 -19.28 -9.74
CA ALA A 265 -31.37 -19.50 -10.92
C ALA A 265 -30.30 -20.56 -10.73
N SER A 266 -30.00 -20.92 -9.47
CA SER A 266 -28.97 -21.91 -9.16
C SER A 266 -29.32 -23.32 -9.62
N ARG A 267 -30.47 -23.54 -10.24
CA ARG A 267 -30.93 -24.90 -10.43
C ARG A 267 -31.55 -25.11 -11.81
N THR B 2 7.47 -17.98 -6.51
CA THR B 2 8.88 -17.87 -6.86
C THR B 2 9.24 -16.48 -7.39
N THR B 3 10.39 -15.97 -6.95
CA THR B 3 10.93 -14.71 -7.43
C THR B 3 12.41 -14.88 -7.76
N LEU B 4 12.95 -13.91 -8.48
CA LEU B 4 14.37 -13.89 -8.81
C LEU B 4 15.21 -13.29 -7.71
N LEU B 5 14.67 -12.34 -6.96
CA LEU B 5 15.36 -11.61 -5.92
C LEU B 5 14.67 -11.88 -4.59
N ASN B 6 15.36 -11.54 -3.51
CA ASN B 6 14.80 -11.73 -2.18
C ASN B 6 13.74 -10.66 -1.92
N PRO B 7 12.47 -11.04 -1.72
CA PRO B 7 11.41 -10.03 -1.51
C PRO B 7 11.38 -9.44 -0.10
N TYR B 8 12.17 -9.98 0.83
CA TYR B 8 12.11 -9.51 2.20
C TYR B 8 13.45 -8.92 2.63
N PHE B 9 13.36 -8.01 3.61
CA PHE B 9 14.53 -7.51 4.33
C PHE B 9 14.36 -7.98 5.77
N GLY B 10 15.11 -9.00 6.17
CA GLY B 10 14.77 -9.62 7.46
C GLY B 10 13.32 -10.07 7.42
N GLU B 11 12.53 -9.66 8.42
CA GLU B 11 11.12 -10.04 8.44
C GLU B 11 10.24 -9.14 7.58
N PHE B 12 10.76 -8.02 7.08
CA PHE B 12 9.93 -6.98 6.48
C PHE B 12 9.94 -7.09 4.97
N GLY B 13 8.81 -6.76 4.37
CA GLY B 13 8.69 -6.77 2.92
C GLY B 13 7.59 -7.69 2.43
N GLY B 14 7.91 -8.50 1.45
CA GLY B 14 6.96 -9.46 0.90
C GLY B 14 6.16 -8.88 -0.25
N MET B 15 5.22 -9.69 -0.73
CA MET B 15 4.35 -9.34 -1.85
C MET B 15 2.92 -9.67 -1.41
N TYR B 16 2.32 -8.77 -0.63
CA TYR B 16 1.01 -9.00 -0.06
C TYR B 16 -0.03 -8.29 -0.93
N VAL B 17 -0.22 -8.84 -2.11
CA VAL B 17 -1.17 -8.33 -3.10
C VAL B 17 -2.17 -9.43 -3.41
N PRO B 18 -3.38 -9.10 -3.84
CA PRO B 18 -4.25 -10.14 -4.40
C PRO B 18 -3.52 -10.94 -5.45
N GLN B 19 -3.84 -12.23 -5.51
CA GLN B 19 -3.20 -13.13 -6.46
C GLN B 19 -3.19 -12.56 -7.88
N ILE B 20 -4.18 -11.73 -8.22
CA ILE B 20 -4.31 -11.27 -9.61
C ILE B 20 -3.12 -10.42 -10.02
N LEU B 21 -2.51 -9.73 -9.07
CA LEU B 21 -1.40 -8.84 -9.39
C LEU B 21 -0.04 -9.50 -9.35
N MET B 22 0.05 -10.78 -8.93
CA MET B 22 1.38 -11.39 -8.84
C MET B 22 2.05 -11.53 -10.20
N PRO B 23 1.33 -11.91 -11.27
CA PRO B 23 1.99 -11.91 -12.59
C PRO B 23 2.56 -10.55 -12.93
N ALA B 24 1.84 -9.47 -12.63
CA ALA B 24 2.37 -8.13 -12.86
C ALA B 24 3.66 -7.91 -12.08
N LEU B 25 3.70 -8.33 -10.81
CA LEU B 25 4.89 -8.07 -10.00
C LEU B 25 6.07 -8.92 -10.49
N ASN B 26 5.80 -10.20 -10.81
CA ASN B 26 6.86 -11.05 -11.33
C ASN B 26 7.37 -10.55 -12.67
N GLN B 27 6.49 -9.97 -13.50
CA GLN B 27 6.92 -9.46 -14.80
C GLN B 27 7.82 -8.24 -14.66
N LEU B 28 7.44 -7.33 -13.77
CA LEU B 28 8.29 -6.17 -13.49
C LEU B 28 9.65 -6.60 -12.94
N GLU B 29 9.66 -7.63 -12.09
CA GLU B 29 10.91 -8.08 -11.48
C GLU B 29 11.85 -8.63 -12.53
N GLU B 30 11.34 -9.46 -13.45
CA GLU B 30 12.20 -10.01 -14.50
C GLU B 30 12.69 -8.91 -15.42
N ALA B 31 11.83 -7.95 -15.77
CA ALA B 31 12.25 -6.85 -16.62
C ALA B 31 13.32 -6.00 -15.92
N PHE B 32 13.15 -5.79 -14.61
CA PHE B 32 14.16 -5.07 -13.85
C PHE B 32 15.50 -5.79 -13.87
N VAL B 33 15.50 -7.09 -13.56
CA VAL B 33 16.75 -7.85 -13.53
C VAL B 33 17.40 -7.84 -14.91
N SER B 34 16.61 -8.07 -15.96
CA SER B 34 17.09 -7.96 -17.34
C SER B 34 17.71 -6.59 -17.59
N ALA B 35 17.00 -5.52 -17.23
CA ALA B 35 17.49 -4.17 -17.52
C ALA B 35 18.78 -3.87 -16.79
N GLN B 36 18.85 -4.23 -15.51
CA GLN B 36 20.07 -4.01 -14.71
C GLN B 36 21.28 -4.66 -15.34
N LYS B 37 21.10 -5.76 -16.07
CA LYS B 37 22.16 -6.44 -16.80
C LYS B 37 22.42 -5.83 -18.17
N ASP B 38 21.57 -4.92 -18.64
CA ASP B 38 21.61 -4.50 -20.03
C ASP B 38 22.39 -3.20 -20.19
N PRO B 39 23.58 -3.22 -20.78
CA PRO B 39 24.34 -1.96 -20.90
C PRO B 39 23.59 -0.87 -21.66
N GLU B 40 22.72 -1.26 -22.61
CA GLU B 40 22.01 -0.26 -23.40
C GLU B 40 20.91 0.41 -22.58
N PHE B 41 20.27 -0.34 -21.68
CA PHE B 41 19.36 0.27 -20.72
C PHE B 41 20.11 1.22 -19.81
N GLN B 42 21.25 0.77 -19.27
CA GLN B 42 22.00 1.62 -18.36
C GLN B 42 22.50 2.88 -19.06
N ALA B 43 22.98 2.74 -20.31
CA ALA B 43 23.46 3.91 -21.05
C ALA B 43 22.32 4.88 -21.35
N GLN B 44 21.12 4.36 -21.56
CA GLN B 44 19.94 5.18 -21.80
C GLN B 44 19.46 5.87 -20.53
N PHE B 45 19.43 5.11 -19.44
CA PHE B 45 19.10 5.67 -18.13
C PHE B 45 20.14 6.68 -17.71
N ALA B 46 21.42 6.39 -17.91
CA ALA B 46 22.45 7.36 -17.56
C ALA B 46 22.32 8.64 -18.39
N ASP B 47 21.91 8.50 -19.66
CA ASP B 47 21.84 9.66 -20.55
C ASP B 47 20.73 10.63 -20.13
N LEU B 48 19.53 10.09 -19.87
CA LEU B 48 18.41 10.89 -19.36
C LEU B 48 18.75 11.56 -18.05
N LEU B 49 19.44 10.86 -17.14
CA LEU B 49 19.78 11.46 -15.85
C LEU B 49 20.72 12.64 -16.04
N LYS B 50 21.70 12.50 -16.95
CA LYS B 50 22.68 13.55 -17.14
C LYS B 50 22.13 14.71 -17.97
N ASN B 51 21.59 14.39 -19.15
CA ASN B 51 21.30 15.43 -20.13
C ASN B 51 19.86 15.95 -20.05
N TYR B 52 18.98 15.23 -19.37
CA TYR B 52 17.61 15.70 -19.20
C TYR B 52 17.35 16.15 -17.78
N ALA B 53 17.78 15.36 -16.79
CA ALA B 53 17.47 15.65 -15.40
C ALA B 53 18.49 16.56 -14.74
N GLY B 54 19.75 16.55 -15.19
CA GLY B 54 20.78 17.40 -14.61
C GLY B 54 21.75 16.75 -13.65
N ARG B 55 21.93 15.43 -13.69
CA ARG B 55 22.90 14.76 -12.83
C ARG B 55 24.33 14.89 -13.39
N PRO B 56 25.36 14.93 -12.52
CA PRO B 56 25.27 14.92 -11.05
C PRO B 56 24.74 16.20 -10.46
N THR B 57 24.08 16.09 -9.32
CA THR B 57 23.67 17.26 -8.57
C THR B 57 24.81 17.70 -7.67
N ALA B 58 24.82 18.98 -7.37
CA ALA B 58 25.86 19.58 -6.55
C ALA B 58 25.81 19.03 -5.12
N LEU B 59 26.95 19.14 -4.45
CA LEU B 59 27.07 18.96 -3.01
C LEU B 59 27.57 20.28 -2.43
N THR B 60 26.70 20.96 -1.69
CA THR B 60 26.91 22.34 -1.28
C THR B 60 27.34 22.40 0.17
N LYS B 61 28.48 23.03 0.43
CA LYS B 61 28.91 23.22 1.81
C LYS B 61 28.26 24.47 2.38
N CYS B 62 27.54 24.31 3.47
CA CYS B 62 26.92 25.46 4.14
C CYS B 62 27.97 26.24 4.89
N GLN B 63 28.19 27.46 4.51
CA GLN B 63 29.21 28.22 5.24
C GLN B 63 28.60 28.77 6.52
N ASN B 64 27.43 29.36 6.42
CA ASN B 64 26.94 30.21 7.50
C ASN B 64 26.31 29.42 8.66
N ILE B 65 25.44 28.45 8.37
CA ILE B 65 24.61 27.91 9.44
C ILE B 65 25.38 27.09 10.47
N THR B 66 26.61 26.66 10.17
CA THR B 66 27.45 25.95 11.12
C THR B 66 28.48 26.84 11.81
N ALA B 67 28.44 28.15 11.58
CA ALA B 67 29.44 29.04 12.17
C ALA B 67 29.47 28.91 13.69
N GLY B 68 30.67 28.87 14.26
CA GLY B 68 30.85 28.77 15.69
C GLY B 68 30.78 27.37 16.25
N THR B 69 30.63 26.35 15.41
CA THR B 69 30.53 24.95 15.85
C THR B 69 31.63 24.13 15.17
N ARG B 70 31.73 22.86 15.54
CA ARG B 70 32.68 21.95 14.92
C ARG B 70 32.00 21.05 13.90
N THR B 71 30.80 21.43 13.46
CA THR B 71 30.05 20.72 12.44
C THR B 71 30.41 21.28 11.08
N THR B 72 30.74 20.39 10.14
CA THR B 72 30.81 20.72 8.73
C THR B 72 29.61 20.05 8.07
N LEU B 73 28.77 20.84 7.42
CA LEU B 73 27.49 20.37 6.89
C LEU B 73 27.43 20.60 5.39
N TYR B 74 27.31 19.53 4.62
CA TYR B 74 27.04 19.64 3.20
C TYR B 74 25.59 19.25 2.94
N LEU B 75 25.05 19.82 1.88
CA LEU B 75 23.72 19.46 1.42
C LEU B 75 23.83 18.82 0.04
N LYS B 76 23.31 17.60 -0.09
CA LYS B 76 23.22 16.97 -1.40
C LYS B 76 22.01 17.55 -2.14
N ARG B 77 22.25 18.18 -3.29
CA ARG B 77 21.28 19.13 -3.88
C ARG B 77 20.35 18.42 -4.87
N GLU B 78 19.52 17.51 -4.34
CA GLU B 78 18.47 16.93 -5.19
C GLU B 78 17.37 17.96 -5.48
N ASP B 79 17.37 19.09 -4.76
CA ASP B 79 16.51 20.21 -5.11
C ASP B 79 16.86 20.81 -6.48
N LEU B 80 18.07 20.54 -7.02
CA LEU B 80 18.44 21.05 -8.32
C LEU B 80 18.05 20.13 -9.46
N LEU B 81 17.61 18.92 -9.17
CA LEU B 81 17.18 18.00 -10.22
C LEU B 81 15.96 18.56 -10.93
N HIS B 82 15.86 18.28 -12.24
CA HIS B 82 14.66 18.68 -12.97
C HIS B 82 13.41 18.14 -12.28
N GLY B 83 12.41 19.00 -12.11
CA GLY B 83 11.17 18.70 -11.44
C GLY B 83 11.12 19.21 -10.02
N GLY B 84 12.28 19.40 -9.41
CA GLY B 84 12.35 19.99 -8.08
C GLY B 84 12.58 19.02 -6.95
N ALA B 85 12.71 17.72 -7.23
CA ALA B 85 13.00 16.74 -6.19
C ALA B 85 13.68 15.50 -6.74
N HIS B 86 14.17 14.69 -5.82
CA HIS B 86 14.79 13.41 -6.14
C HIS B 86 13.85 12.47 -6.89
N LYS B 87 12.52 12.62 -6.72
CA LYS B 87 11.56 11.71 -7.34
C LYS B 87 11.91 11.44 -8.79
N THR B 88 12.42 12.46 -9.48
CA THR B 88 12.62 12.37 -10.91
C THR B 88 13.60 11.25 -11.28
N ASN B 89 14.52 10.89 -10.37
CA ASN B 89 15.55 9.91 -10.73
C ASN B 89 14.94 8.57 -11.10
N GLN B 90 14.11 8.04 -10.21
CA GLN B 90 13.63 6.68 -10.39
C GLN B 90 12.39 6.61 -11.29
N VAL B 91 11.69 7.73 -11.51
CA VAL B 91 10.64 7.65 -12.51
C VAL B 91 11.22 7.53 -13.91
N LEU B 92 12.41 8.11 -14.16
CA LEU B 92 12.98 7.94 -15.49
C LEU B 92 13.35 6.48 -15.70
N GLY B 93 13.85 5.81 -14.66
CA GLY B 93 14.16 4.39 -14.78
C GLY B 93 12.93 3.50 -14.89
N GLN B 94 11.91 3.75 -14.07
CA GLN B 94 10.67 3.00 -14.20
C GLN B 94 10.01 3.25 -15.55
N ALA B 95 10.10 4.47 -16.08
CA ALA B 95 9.46 4.73 -17.38
C ALA B 95 10.13 3.93 -18.49
N LEU B 96 11.46 3.83 -18.44
CA LEU B 96 12.20 3.01 -19.39
C LEU B 96 11.81 1.55 -19.23
N LEU B 97 11.68 1.08 -17.99
CA LEU B 97 11.19 -0.28 -17.76
C LEU B 97 9.79 -0.46 -18.35
N ALA B 98 8.91 0.52 -18.14
CA ALA B 98 7.55 0.38 -18.64
C ALA B 98 7.53 0.23 -20.15
N LYS B 99 8.32 1.04 -20.86
CA LYS B 99 8.44 0.89 -22.30
C LYS B 99 9.04 -0.46 -22.66
N ARG B 100 9.98 -0.93 -21.84
N ARG B 100 10.01 -0.92 -21.87
CA ARG B 100 10.66 -2.23 -22.05
CA ARG B 100 10.60 -2.24 -22.14
C ARG B 100 9.60 -3.35 -21.97
C ARG B 100 9.55 -3.33 -22.04
N MET B 101 8.62 -3.19 -21.11
CA MET B 101 7.54 -4.15 -20.96
C MET B 101 6.42 -3.93 -21.94
N GLY B 102 6.55 -2.96 -22.85
CA GLY B 102 5.49 -2.70 -23.80
C GLY B 102 4.26 -2.03 -23.22
N LYS B 103 4.36 -1.48 -22.02
CA LYS B 103 3.26 -0.72 -21.47
C LYS B 103 3.22 0.65 -22.10
N SER B 104 2.02 1.22 -22.18
CA SER B 104 1.86 2.55 -22.74
C SER B 104 1.10 3.51 -21.84
N GLU B 105 0.52 3.03 -20.73
CA GLU B 105 -0.10 3.87 -19.72
C GLU B 105 0.72 3.85 -18.45
N ILE B 106 0.51 4.86 -17.61
CA ILE B 106 1.18 4.97 -16.33
C ILE B 106 0.15 5.33 -15.26
N ILE B 107 0.21 4.65 -14.11
CA ILE B 107 -0.55 5.01 -12.92
C ILE B 107 0.42 5.47 -11.83
N ALA B 108 0.03 6.49 -11.07
CA ALA B 108 0.84 6.93 -9.93
C ALA B 108 -0.02 7.55 -8.84
N GLU B 109 0.49 7.47 -7.61
CA GLU B 109 0.04 8.20 -6.44
C GLU B 109 1.00 9.38 -6.18
N THR B 110 0.52 10.40 -5.46
CA THR B 110 1.43 11.46 -5.03
C THR B 110 0.82 12.21 -3.85
N GLY B 111 1.66 12.57 -2.88
CA GLY B 111 1.20 13.52 -1.86
C GLY B 111 1.80 14.91 -1.95
N ALA B 112 3.13 15.02 -2.03
CA ALA B 112 3.72 16.34 -2.20
C ALA B 112 3.59 16.84 -3.63
N GLY B 113 3.00 16.02 -4.51
CA GLY B 113 2.90 16.32 -5.92
C GLY B 113 4.20 16.21 -6.67
N GLN B 114 5.31 16.02 -5.97
CA GLN B 114 6.60 15.88 -6.65
C GLN B 114 6.68 14.55 -7.38
N HIS B 115 6.12 13.49 -6.81
CA HIS B 115 6.10 12.25 -7.58
C HIS B 115 5.11 12.35 -8.75
N GLY B 116 3.97 13.01 -8.54
CA GLY B 116 3.05 13.24 -9.65
C GLY B 116 3.66 14.06 -10.77
N VAL B 117 4.42 15.10 -10.42
CA VAL B 117 5.09 15.92 -11.43
C VAL B 117 6.10 15.09 -12.20
N ALA B 118 6.91 14.31 -11.48
CA ALA B 118 7.94 13.48 -12.09
C ALA B 118 7.32 12.44 -13.03
N SER B 119 6.29 11.75 -12.57
CA SER B 119 5.58 10.80 -13.43
C SER B 119 5.06 11.47 -14.69
N ALA B 120 4.56 12.69 -14.56
CA ALA B 120 3.97 13.38 -15.70
C ALA B 120 5.07 13.83 -16.66
N LEU B 121 6.17 14.36 -16.14
CA LEU B 121 7.24 14.80 -17.04
C LEU B 121 7.88 13.61 -17.74
N ALA B 122 8.07 12.50 -17.03
CA ALA B 122 8.63 11.31 -17.64
C ALA B 122 7.70 10.77 -18.71
N SER B 123 6.39 10.72 -18.42
CA SER B 123 5.43 10.22 -19.40
C SER B 123 5.33 11.14 -20.61
N ALA B 124 5.44 12.46 -20.41
CA ALA B 124 5.44 13.37 -21.55
C ALA B 124 6.68 13.14 -22.41
N LEU B 125 7.83 12.97 -21.78
CA LEU B 125 9.08 12.81 -22.53
C LEU B 125 9.07 11.53 -23.36
N LEU B 126 8.64 10.42 -22.76
CA LEU B 126 8.78 9.08 -23.32
C LEU B 126 7.49 8.56 -23.92
N GLY B 127 6.52 9.43 -24.11
CA GLY B 127 5.26 9.13 -24.80
C GLY B 127 4.38 8.11 -24.12
N LEU B 128 4.09 8.32 -22.84
CA LEU B 128 3.21 7.41 -22.09
C LEU B 128 2.00 8.22 -21.65
N LYS B 129 0.84 7.57 -21.54
CA LYS B 129 -0.37 8.25 -21.06
C LYS B 129 -0.40 8.13 -19.55
N CYS B 130 -0.51 9.22 -18.83
CA CYS B 130 -0.34 9.19 -17.38
C CYS B 130 -1.56 9.68 -16.60
N ARG B 131 -1.93 8.94 -15.55
CA ARG B 131 -2.98 9.35 -14.63
C ARG B 131 -2.48 9.22 -13.20
N ILE B 132 -2.86 10.16 -12.35
CA ILE B 132 -2.23 10.28 -11.03
C ILE B 132 -3.27 10.56 -9.96
N TYR B 133 -3.20 9.81 -8.86
CA TYR B 133 -4.09 9.95 -7.72
C TYR B 133 -3.44 10.84 -6.67
N MET B 134 -4.20 11.81 -6.15
CA MET B 134 -3.69 12.76 -5.18
C MET B 134 -4.76 13.04 -4.12
N GLY B 135 -4.33 13.06 -2.85
CA GLY B 135 -5.23 13.40 -1.77
C GLY B 135 -5.83 14.77 -1.91
N ALA B 136 -7.16 14.90 -1.75
CA ALA B 136 -7.80 16.20 -1.89
C ALA B 136 -7.23 17.20 -0.91
N LYS B 137 -6.77 16.74 0.26
CA LYS B 137 -6.05 17.61 1.19
C LYS B 137 -4.75 18.11 0.57
N ASP B 138 -3.99 17.19 -0.04
CA ASP B 138 -2.71 17.53 -0.66
C ASP B 138 -2.87 18.27 -1.98
N VAL B 139 -4.02 18.10 -2.65
CA VAL B 139 -4.35 18.96 -3.79
C VAL B 139 -4.24 20.42 -3.38
N GLU B 140 -4.54 20.72 -2.12
CA GLU B 140 -4.71 22.08 -1.63
C GLU B 140 -3.42 22.68 -1.08
N ARG B 141 -2.74 21.98 -0.17
CA ARG B 141 -1.50 22.51 0.37
C ARG B 141 -0.31 22.38 -0.60
N GLN B 142 -0.43 21.56 -1.65
CA GLN B 142 0.63 21.38 -2.63
C GLN B 142 0.19 21.78 -4.03
N SER B 143 -0.66 22.81 -4.11
CA SER B 143 -1.26 23.23 -5.38
C SER B 143 -0.29 23.71 -6.46
N PRO B 144 0.92 24.26 -6.15
CA PRO B 144 1.87 24.52 -7.25
C PRO B 144 2.17 23.31 -8.11
N ASN B 145 2.12 22.11 -7.53
CA ASN B 145 2.38 20.90 -8.28
C ASN B 145 1.14 20.37 -9.00
N VAL B 146 -0.07 20.81 -8.63
CA VAL B 146 -1.23 20.24 -9.29
C VAL B 146 -1.41 20.81 -10.70
N PHE B 147 -1.12 22.10 -10.86
N PHE B 147 -1.09 22.08 -10.92
CA PHE B 147 -1.12 22.72 -12.19
CA PHE B 147 -1.23 22.49 -12.32
C PHE B 147 -0.08 22.05 -13.07
C PHE B 147 -0.04 22.05 -13.15
N ARG B 148 1.16 21.99 -12.56
CA ARG B 148 2.30 21.46 -13.31
C ARG B 148 2.00 20.10 -13.91
N MET B 149 1.38 19.22 -13.13
CA MET B 149 1.00 17.90 -13.63
C MET B 149 0.02 18.02 -14.78
N ARG B 150 -0.90 18.98 -14.68
CA ARG B 150 -1.98 19.07 -15.66
C ARG B 150 -1.48 19.61 -17.00
N LEU B 151 -0.59 20.61 -17.00
CA LEU B 151 -0.13 21.10 -18.29
C LEU B 151 0.84 20.14 -18.98
N MET B 152 1.37 19.17 -18.26
CA MET B 152 2.20 18.16 -18.89
C MET B 152 1.38 17.00 -19.44
N GLY B 153 0.05 17.12 -19.45
CA GLY B 153 -0.77 16.16 -20.16
C GLY B 153 -1.26 14.98 -19.35
N ALA B 154 -1.13 15.04 -18.02
CA ALA B 154 -1.52 13.96 -17.13
C ALA B 154 -2.88 14.25 -16.48
N GLU B 155 -3.53 13.18 -16.02
CA GLU B 155 -4.83 13.27 -15.36
C GLU B 155 -4.65 13.21 -13.85
N VAL B 156 -5.03 14.28 -13.15
CA VAL B 156 -4.90 14.34 -11.69
C VAL B 156 -6.27 14.04 -11.10
N ILE B 157 -6.35 13.02 -10.25
CA ILE B 157 -7.60 12.49 -9.71
C ILE B 157 -7.59 12.67 -8.19
N PRO B 158 -8.20 13.74 -7.67
CA PRO B 158 -8.28 13.92 -6.22
C PRO B 158 -9.04 12.77 -5.56
N VAL B 159 -8.60 12.40 -4.36
CA VAL B 159 -9.18 11.28 -3.63
C VAL B 159 -9.65 11.79 -2.27
N HIS B 160 -10.94 11.60 -2.00
CA HIS B 160 -11.57 12.09 -0.79
C HIS B 160 -11.77 11.00 0.26
N SER B 161 -11.46 9.73 -0.04
CA SER B 161 -11.59 8.68 0.96
C SER B 161 -10.56 8.91 2.08
N GLY B 162 -10.79 8.24 3.20
CA GLY B 162 -9.84 8.23 4.30
C GLY B 162 -9.48 9.62 4.79
N SER B 163 -8.17 9.82 5.03
CA SER B 163 -7.63 11.11 5.48
C SER B 163 -7.38 12.08 4.32
N ALA B 164 -7.80 11.70 3.10
CA ALA B 164 -7.58 12.51 1.89
C ALA B 164 -6.12 12.88 1.71
N THR B 165 -5.22 11.96 2.10
CA THR B 165 -3.78 12.18 1.98
C THR B 165 -3.13 11.06 1.18
N LEU B 166 -1.80 11.02 1.21
CA LEU B 166 -1.00 10.07 0.42
C LEU B 166 -1.54 8.64 0.52
N LYS B 167 -1.75 8.15 1.75
CA LYS B 167 -2.30 6.82 1.98
C LYS B 167 -3.50 6.54 1.07
N ASP B 168 -4.39 7.51 0.99
CA ASP B 168 -5.65 7.34 0.29
C ASP B 168 -5.44 7.25 -1.22
N ALA B 169 -4.46 8.02 -1.74
CA ALA B 169 -4.11 7.88 -3.15
C ALA B 169 -3.48 6.54 -3.43
N CYS B 170 -2.54 6.11 -2.56
CA CYS B 170 -1.94 4.78 -2.72
C CYS B 170 -3.00 3.70 -2.82
N ASN B 171 -4.02 3.77 -1.94
CA ASN B 171 -5.11 2.81 -1.98
C ASN B 171 -5.80 2.84 -3.33
N GLU B 172 -6.17 4.05 -3.81
CA GLU B 172 -6.83 4.17 -5.11
C GLU B 172 -5.97 3.59 -6.21
N ALA B 173 -4.69 3.96 -6.23
CA ALA B 173 -3.79 3.54 -7.31
C ALA B 173 -3.66 2.02 -7.37
N LEU B 174 -3.50 1.37 -6.22
CA LEU B 174 -3.35 -0.07 -6.24
C LEU B 174 -4.66 -0.75 -6.65
N ARG B 175 -5.81 -0.16 -6.30
CA ARG B 175 -7.09 -0.64 -6.82
C ARG B 175 -7.16 -0.52 -8.33
N ASP B 176 -6.72 0.62 -8.88
CA ASP B 176 -6.77 0.85 -10.32
C ASP B 176 -5.89 -0.16 -11.05
N TRP B 177 -4.65 -0.33 -10.60
CA TRP B 177 -3.73 -1.23 -11.28
C TRP B 177 -4.21 -2.67 -11.24
N SER B 178 -4.98 -3.03 -10.22
CA SER B 178 -5.51 -4.39 -10.11
C SER B 178 -6.43 -4.72 -11.28
N GLY B 179 -6.99 -3.71 -11.95
CA GLY B 179 -7.80 -3.95 -13.12
C GLY B 179 -7.12 -3.57 -14.42
N SER B 180 -6.21 -2.60 -14.36
CA SER B 180 -5.62 -2.02 -15.56
C SER B 180 -4.19 -2.48 -15.82
N TYR B 181 -3.64 -3.38 -15.00
CA TYR B 181 -2.25 -3.81 -15.06
C TYR B 181 -1.89 -4.37 -16.43
N GLU B 182 -2.92 -4.66 -17.23
CA GLU B 182 -2.73 -5.26 -18.55
C GLU B 182 -1.94 -4.33 -19.47
N THR B 183 -2.30 -3.05 -19.49
CA THR B 183 -1.67 -2.09 -20.37
C THR B 183 -0.92 -1.00 -19.63
N ALA B 184 -1.19 -0.83 -18.34
CA ALA B 184 -0.59 0.23 -17.54
C ALA B 184 0.49 -0.31 -16.62
N HIS B 185 1.50 0.51 -16.39
CA HIS B 185 2.49 0.26 -15.35
C HIS B 185 2.15 1.14 -14.16
N TYR B 186 2.21 0.56 -12.96
CA TYR B 186 2.02 1.34 -11.73
C TYR B 186 3.39 1.86 -11.30
N MET B 187 3.61 3.14 -11.52
CA MET B 187 4.91 3.73 -11.21
C MET B 187 4.84 4.21 -9.76
N LEU B 188 5.11 3.29 -8.84
CA LEU B 188 5.06 3.57 -7.41
C LEU B 188 6.15 4.57 -7.06
N GLY B 189 5.82 5.52 -6.20
CA GLY B 189 6.69 6.64 -5.93
C GLY B 189 7.59 6.59 -4.72
N THR B 190 7.74 5.45 -4.05
CA THR B 190 8.66 5.38 -2.91
C THR B 190 9.22 3.97 -2.77
N ALA B 191 10.13 3.80 -1.80
CA ALA B 191 10.77 2.52 -1.56
C ALA B 191 9.91 1.64 -0.67
N ALA B 192 8.64 1.44 -1.06
CA ALA B 192 7.72 0.69 -0.25
C ALA B 192 6.76 -0.04 -1.18
N GLY B 193 5.74 -0.67 -0.61
CA GLY B 193 4.82 -1.46 -1.39
C GLY B 193 5.38 -2.86 -1.60
N PRO B 194 4.73 -3.66 -2.43
CA PRO B 194 5.18 -5.04 -2.63
C PRO B 194 6.51 -5.09 -3.40
N HIS B 195 7.29 -6.11 -3.11
CA HIS B 195 8.41 -6.46 -3.97
C HIS B 195 7.92 -6.59 -5.43
N PRO B 196 8.71 -6.12 -6.41
CA PRO B 196 10.07 -5.61 -6.29
C PRO B 196 10.23 -4.10 -6.07
N TYR B 197 9.17 -3.39 -5.72
CA TYR B 197 9.28 -1.93 -5.69
C TYR B 197 10.33 -1.41 -4.72
N PRO B 198 10.39 -1.85 -3.45
CA PRO B 198 11.42 -1.29 -2.57
C PRO B 198 12.84 -1.51 -3.09
N THR B 199 13.07 -2.64 -3.77
CA THR B 199 14.36 -2.90 -4.40
C THR B 199 14.57 -2.05 -5.64
N ILE B 200 13.58 -1.99 -6.55
CA ILE B 200 13.76 -1.19 -7.76
C ILE B 200 14.02 0.27 -7.41
N VAL B 201 13.18 0.84 -6.54
CA VAL B 201 13.29 2.26 -6.25
C VAL B 201 14.64 2.59 -5.61
N ARG B 202 15.14 1.69 -4.76
CA ARG B 202 16.48 1.89 -4.18
C ARG B 202 17.54 1.94 -5.27
N GLU B 203 17.54 0.96 -6.16
CA GLU B 203 18.59 0.90 -7.16
C GLU B 203 18.49 2.05 -8.15
N PHE B 204 17.28 2.54 -8.42
CA PHE B 204 17.11 3.70 -9.29
C PHE B 204 17.28 5.01 -8.54
N GLN B 205 17.54 4.97 -7.23
CA GLN B 205 17.86 6.19 -6.49
C GLN B 205 19.28 6.18 -5.97
N ARG B 206 20.03 5.09 -6.15
CA ARG B 206 21.26 4.93 -5.39
C ARG B 206 22.36 5.86 -5.85
N MET B 207 22.16 6.53 -6.99
CA MET B 207 23.13 7.48 -7.47
C MET B 207 23.28 8.65 -6.51
N ILE B 208 22.25 8.95 -5.71
CA ILE B 208 22.37 10.03 -4.74
C ILE B 208 23.56 9.74 -3.83
N GLY B 209 23.59 8.55 -3.25
CA GLY B 209 24.66 8.21 -2.32
C GLY B 209 25.98 7.96 -3.03
N GLU B 210 25.93 7.37 -4.22
CA GLU B 210 27.17 7.18 -4.99
C GLU B 210 27.86 8.52 -5.27
N GLU B 211 27.10 9.47 -5.82
CA GLU B 211 27.65 10.81 -6.05
C GLU B 211 28.15 11.43 -4.76
N THR B 212 27.31 11.38 -3.70
CA THR B 212 27.69 11.99 -2.42
C THR B 212 29.02 11.46 -1.92
N LYS B 213 29.21 10.13 -1.98
CA LYS B 213 30.49 9.53 -1.58
C LYS B 213 31.64 10.13 -2.39
N ALA B 214 31.49 10.21 -3.72
CA ALA B 214 32.58 10.68 -4.58
C ALA B 214 32.88 12.15 -4.32
N GLN B 215 31.82 12.93 -4.11
CA GLN B 215 31.95 14.36 -3.88
C GLN B 215 32.58 14.64 -2.52
N ILE B 216 32.13 13.93 -1.48
CA ILE B 216 32.67 14.17 -0.15
C ILE B 216 34.11 13.66 -0.07
N LEU B 217 34.46 12.61 -0.81
CA LEU B 217 35.87 12.21 -0.87
C LEU B 217 36.71 13.28 -1.54
N ASP B 218 36.22 13.82 -2.65
CA ASP B 218 36.97 14.84 -3.37
C ASP B 218 37.15 16.09 -2.52
N LYS B 219 36.16 16.44 -1.69
CA LYS B 219 36.23 17.73 -1.01
C LYS B 219 36.86 17.64 0.37
N GLU B 220 36.76 16.47 1.03
CA GLU B 220 37.17 16.27 2.42
C GLU B 220 38.18 15.16 2.60
N GLY B 221 38.32 14.25 1.64
CA GLY B 221 39.31 13.20 1.74
C GLY B 221 38.96 12.11 2.71
N ARG B 222 37.70 12.03 3.10
CA ARG B 222 37.22 10.99 3.99
C ARG B 222 35.69 10.91 3.87
N LEU B 223 35.13 9.83 4.41
CA LEU B 223 33.69 9.63 4.34
C LEU B 223 32.98 10.47 5.40
N PRO B 224 31.68 10.71 5.23
CA PRO B 224 30.94 11.48 6.23
C PRO B 224 30.84 10.72 7.54
N ASP B 225 30.76 11.46 8.65
CA ASP B 225 30.42 10.82 9.90
C ASP B 225 28.99 10.30 9.88
N ALA B 226 28.08 11.02 9.19
CA ALA B 226 26.68 10.63 9.11
C ALA B 226 26.01 11.28 7.89
N VAL B 227 25.13 10.53 7.26
CA VAL B 227 24.25 11.06 6.23
C VAL B 227 22.82 11.03 6.76
N ILE B 228 22.05 12.07 6.46
CA ILE B 228 20.80 12.35 7.16
C ILE B 228 19.74 12.65 6.12
N ALA B 229 18.63 11.92 6.15
CA ALA B 229 17.55 12.09 5.18
C ALA B 229 16.18 11.94 5.84
N CYS B 230 15.23 12.72 5.36
CA CYS B 230 13.87 12.55 5.81
C CYS B 230 13.32 11.22 5.26
N VAL B 231 12.36 10.63 5.97
CA VAL B 231 11.81 9.32 5.63
C VAL B 231 10.29 9.42 5.61
N GLY B 232 9.70 9.42 4.40
N GLY B 232 9.73 9.42 4.42
CA GLY B 232 8.24 9.32 4.26
CA GLY B 232 8.30 9.24 4.29
C GLY B 232 7.65 7.97 3.87
C GLY B 232 8.20 7.76 4.00
N GLY B 233 8.08 7.43 2.72
CA GLY B 233 8.02 6.03 2.36
C GLY B 233 9.42 5.44 2.30
N GLY B 234 10.43 6.28 2.06
CA GLY B 234 11.81 5.83 2.19
C GLY B 234 12.70 6.01 0.97
N SER B 235 12.25 6.62 -0.13
CA SER B 235 13.06 6.54 -1.34
C SER B 235 14.27 7.46 -1.30
N ASN B 236 14.12 8.72 -0.90
CA ASN B 236 15.31 9.61 -0.86
C ASN B 236 16.34 9.07 0.13
N ALA B 237 15.88 8.63 1.29
CA ALA B 237 16.81 8.15 2.31
C ALA B 237 17.55 6.89 1.86
N ILE B 238 16.84 5.88 1.35
CA ILE B 238 17.57 4.70 0.89
C ILE B 238 18.44 5.05 -0.30
N GLY B 239 18.02 6.02 -1.10
CA GLY B 239 18.88 6.48 -2.19
C GLY B 239 20.19 7.04 -1.69
N MET B 240 20.15 7.77 -0.57
CA MET B 240 21.37 8.29 0.03
C MET B 240 22.13 7.20 0.78
N PHE B 241 21.41 6.37 1.55
CA PHE B 241 22.06 5.35 2.38
C PHE B 241 22.78 4.28 1.57
N ALA B 242 22.21 3.88 0.41
CA ALA B 242 22.49 2.55 -0.13
C ALA B 242 23.99 2.33 -0.30
N ASP B 243 24.68 3.29 -0.92
CA ASP B 243 26.10 3.12 -1.21
C ASP B 243 26.98 3.23 0.01
N PHE B 244 26.42 3.62 1.16
CA PHE B 244 27.16 3.71 2.40
C PHE B 244 26.88 2.54 3.35
N ILE B 245 26.04 1.58 2.98
CA ILE B 245 25.61 0.61 3.97
C ILE B 245 26.80 -0.21 4.47
N ASN B 246 27.70 -0.58 3.57
CA ASN B 246 28.84 -1.38 3.97
C ASN B 246 30.01 -0.54 4.52
N ASP B 247 29.89 0.79 4.48
CA ASP B 247 30.81 1.70 5.17
C ASP B 247 30.31 1.88 6.60
N THR B 248 30.71 0.94 7.46
CA THR B 248 30.12 0.87 8.81
C THR B 248 30.53 2.02 9.72
N SER B 249 31.58 2.77 9.40
CA SER B 249 31.89 3.96 10.18
C SER B 249 30.89 5.07 9.91
N VAL B 250 30.12 4.99 8.83
CA VAL B 250 29.23 6.08 8.43
C VAL B 250 27.88 5.85 9.08
N GLY B 251 27.41 6.83 9.83
CA GLY B 251 26.07 6.77 10.38
C GLY B 251 25.00 7.08 9.34
N LEU B 252 23.87 6.39 9.47
CA LEU B 252 22.72 6.50 8.57
C LEU B 252 21.58 6.93 9.46
N ILE B 253 21.06 8.12 9.25
CA ILE B 253 20.04 8.68 10.11
C ILE B 253 18.86 9.03 9.24
N GLY B 254 17.72 8.42 9.52
CA GLY B 254 16.46 8.72 8.86
C GLY B 254 15.59 9.49 9.83
N VAL B 255 14.84 10.47 9.31
CA VAL B 255 14.07 11.40 10.13
C VAL B 255 12.62 11.27 9.72
N GLU B 256 11.80 10.72 10.62
CA GLU B 256 10.37 10.69 10.37
C GLU B 256 9.71 11.98 10.83
N PRO B 257 8.55 12.32 10.26
CA PRO B 257 7.82 13.50 10.74
C PRO B 257 7.20 13.25 12.11
N GLY B 258 7.57 14.11 13.08
CA GLY B 258 6.90 14.08 14.36
C GLY B 258 5.60 14.85 14.40
N GLY B 259 5.27 15.53 13.30
CA GLY B 259 4.06 16.34 13.24
C GLY B 259 3.87 17.30 14.38
N HIS B 260 2.77 17.15 15.12
CA HIS B 260 2.51 18.00 16.27
C HIS B 260 3.20 17.49 17.52
N GLY B 261 3.95 16.40 17.40
CA GLY B 261 4.56 15.78 18.57
C GLY B 261 4.08 14.36 18.69
N ILE B 262 5.02 13.46 18.95
CA ILE B 262 4.67 12.05 19.00
C ILE B 262 3.59 11.80 20.05
N GLU B 263 3.72 12.45 21.20
CA GLU B 263 2.78 12.22 22.28
C GLU B 263 1.36 12.61 21.89
N THR B 264 1.19 13.42 20.83
CA THR B 264 -0.14 13.84 20.39
C THR B 264 -0.84 12.79 19.53
N GLY B 265 -0.12 11.78 19.07
CA GLY B 265 -0.66 10.85 18.11
C GLY B 265 -0.71 11.37 16.70
N GLU B 266 -0.48 12.67 16.51
CA GLU B 266 -0.62 13.30 15.20
C GLU B 266 0.79 13.44 14.65
N HIS B 267 1.23 12.42 13.92
CA HIS B 267 2.59 12.33 13.41
C HIS B 267 2.60 11.34 12.26
N GLY B 268 3.76 11.18 11.63
CA GLY B 268 3.95 10.20 10.58
C GLY B 268 5.17 9.34 10.85
N ALA B 269 5.35 8.87 12.07
CA ALA B 269 6.56 8.15 12.47
C ALA B 269 6.24 6.71 12.86
N PRO B 270 5.78 5.88 11.91
CA PRO B 270 5.46 4.50 12.28
C PRO B 270 6.68 3.69 12.59
N LEU B 271 7.83 3.96 11.95
CA LEU B 271 8.98 3.10 12.16
C LEU B 271 9.26 2.98 13.65
N LYS B 272 9.33 4.12 14.34
CA LYS B 272 9.63 4.13 15.76
C LYS B 272 8.41 4.20 16.66
N HIS B 273 7.25 4.61 16.16
CA HIS B 273 6.09 4.79 17.01
C HIS B 273 4.84 4.17 16.37
N GLY B 274 5.03 3.09 15.63
CA GLY B 274 3.95 2.25 15.16
C GLY B 274 4.18 0.82 15.58
N ARG B 275 3.59 -0.10 14.82
CA ARG B 275 3.93 -1.52 14.99
C ARG B 275 3.64 -2.26 13.70
N VAL B 276 4.30 -3.41 13.57
CA VAL B 276 4.33 -4.14 12.32
C VAL B 276 2.92 -4.59 11.95
N GLY B 277 2.59 -4.44 10.67
CA GLY B 277 1.32 -4.90 10.13
C GLY B 277 1.51 -5.24 8.67
N ILE B 278 0.42 -5.59 8.01
CA ILE B 278 0.44 -5.95 6.59
C ILE B 278 -0.51 -5.00 5.87
N TYR B 279 0.03 -4.22 4.95
CA TYR B 279 -0.77 -3.22 4.25
C TYR B 279 0.04 -2.68 3.08
N PHE B 280 -0.67 -2.23 2.03
CA PHE B 280 -0.03 -1.69 0.83
C PHE B 280 0.98 -2.69 0.25
N GLY B 281 0.62 -3.97 0.27
CA GLY B 281 1.45 -5.00 -0.31
C GLY B 281 2.70 -5.38 0.45
N MET B 282 2.85 -4.93 1.69
CA MET B 282 4.11 -5.16 2.40
C MET B 282 3.84 -5.39 3.88
N LYS B 283 4.75 -6.11 4.52
CA LYS B 283 4.78 -6.24 5.97
C LYS B 283 5.78 -5.22 6.50
N ALA B 284 5.31 -4.22 7.23
CA ALA B 284 6.14 -3.09 7.62
C ALA B 284 5.54 -2.41 8.84
N PRO B 285 6.34 -1.68 9.61
CA PRO B 285 5.81 -0.83 10.68
C PRO B 285 4.68 0.04 10.15
N MET B 286 3.60 0.11 10.90
CA MET B 286 2.61 1.12 10.55
C MET B 286 1.94 1.65 11.79
N MET B 287 1.29 2.79 11.61
CA MET B 287 0.47 3.38 12.66
C MET B 287 -0.92 2.77 12.54
N GLN B 288 -1.35 2.09 13.59
CA GLN B 288 -2.59 1.34 13.48
C GLN B 288 -3.26 1.31 14.84
N THR B 289 -4.59 1.22 14.82
CA THR B 289 -5.34 1.12 16.06
C THR B 289 -4.95 -0.17 16.78
N ALA B 290 -5.44 -0.31 18.02
CA ALA B 290 -5.23 -1.57 18.69
C ALA B 290 -5.99 -2.69 18.00
N ASP B 291 -7.06 -2.34 17.25
CA ASP B 291 -7.83 -3.28 16.44
C ASP B 291 -7.10 -3.73 15.18
N GLY B 292 -6.05 -3.05 14.79
CA GLY B 292 -5.42 -3.32 13.50
C GLY B 292 -6.02 -2.56 12.33
N GLN B 293 -6.79 -1.51 12.61
CA GLN B 293 -7.15 -0.56 11.56
C GLN B 293 -6.00 0.39 11.35
N ILE B 294 -5.81 0.81 10.09
CA ILE B 294 -4.72 1.72 9.78
C ILE B 294 -5.07 3.09 10.35
N GLU B 295 -4.22 3.61 11.23
CA GLU B 295 -4.40 4.99 11.66
C GLU B 295 -4.05 5.96 10.56
N GLU B 296 -4.63 7.14 10.64
CA GLU B 296 -4.27 8.24 9.75
C GLU B 296 -3.05 8.94 10.33
N SER B 297 -2.08 9.23 9.47
CA SER B 297 -0.87 9.96 9.83
C SER B 297 -1.11 11.45 9.71
N TYR B 298 -0.12 12.24 10.15
CA TYR B 298 -0.17 13.68 9.99
C TYR B 298 1.24 14.23 9.91
N SER B 299 1.42 15.22 9.04
CA SER B 299 2.62 16.05 9.03
C SER B 299 2.31 17.35 8.30
N ILE B 300 3.00 18.43 8.71
CA ILE B 300 2.88 19.68 7.96
C ILE B 300 3.29 19.50 6.51
N SER B 301 4.17 18.53 6.23
CA SER B 301 4.67 18.25 4.88
C SER B 301 3.91 17.08 4.26
N ALA B 302 3.28 17.33 3.11
CA ALA B 302 2.47 16.30 2.45
C ALA B 302 3.31 15.09 2.09
N GLY B 303 4.57 15.31 1.75
CA GLY B 303 5.42 14.23 1.29
C GLY B 303 5.79 13.23 2.35
N LEU B 304 5.56 13.55 3.62
CA LEU B 304 5.86 12.65 4.71
C LEU B 304 4.59 12.16 5.42
N ASP B 305 3.42 12.63 5.00
CA ASP B 305 2.16 12.30 5.67
C ASP B 305 1.68 10.91 5.23
N PHE B 306 2.42 9.89 5.70
CA PHE B 306 2.20 8.48 5.30
C PHE B 306 2.32 7.59 6.53
N PRO B 307 1.42 6.63 6.75
CA PRO B 307 1.39 5.91 8.02
C PRO B 307 2.23 4.64 8.06
N SER B 308 2.97 4.36 6.98
CA SER B 308 3.88 3.23 6.93
C SER B 308 5.27 3.70 6.51
N VAL B 309 6.18 2.76 6.21
CA VAL B 309 7.55 3.06 5.82
C VAL B 309 8.11 1.87 5.05
N GLY B 310 9.09 2.12 4.17
CA GLY B 310 9.65 1.06 3.35
C GLY B 310 10.32 -0.03 4.17
N PRO B 311 10.26 -1.30 3.72
CA PRO B 311 10.74 -2.40 4.58
C PRO B 311 12.24 -2.45 4.75
N GLN B 312 13.03 -1.91 3.82
CA GLN B 312 14.47 -1.92 4.06
C GLN B 312 14.85 -1.04 5.23
N HIS B 313 14.14 0.08 5.42
CA HIS B 313 14.38 0.92 6.59
C HIS B 313 14.02 0.20 7.88
N ALA B 314 12.88 -0.50 7.90
CA ALA B 314 12.54 -1.24 9.10
C ALA B 314 13.61 -2.27 9.41
N TYR B 315 14.17 -2.91 8.37
CA TYR B 315 15.24 -3.88 8.55
C TYR B 315 16.54 -3.22 9.02
N LEU B 316 16.96 -2.14 8.36
CA LEU B 316 18.16 -1.43 8.78
C LEU B 316 18.05 -0.94 10.22
N ASN B 317 16.86 -0.50 10.61
CA ASN B 317 16.64 -0.14 12.01
C ASN B 317 16.83 -1.35 12.92
N SER B 318 16.19 -2.46 12.57
N SER B 318 16.16 -2.45 12.58
CA SER B 318 16.14 -3.61 13.48
CA SER B 318 16.13 -3.63 13.44
C SER B 318 17.53 -4.15 13.80
C SER B 318 17.53 -4.11 13.80
N ILE B 319 18.43 -4.19 12.80
CA ILE B 319 19.78 -4.71 13.05
C ILE B 319 20.72 -3.64 13.57
N GLY B 320 20.27 -2.40 13.71
CA GLY B 320 21.10 -1.34 14.24
C GLY B 320 21.95 -0.62 13.23
N ARG B 321 21.79 -0.91 11.94
CA ARG B 321 22.66 -0.26 10.96
C ARG B 321 22.30 1.21 10.80
N ALA B 322 21.03 1.52 10.89
CA ALA B 322 20.55 2.88 10.72
C ALA B 322 19.73 3.26 11.93
N ASP B 323 19.82 4.52 12.33
CA ASP B 323 19.02 5.05 13.42
C ASP B 323 17.94 5.94 12.86
N TYR B 324 16.79 5.92 13.51
CA TYR B 324 15.69 6.75 13.06
C TYR B 324 15.19 7.61 14.20
N VAL B 325 14.86 8.86 13.87
CA VAL B 325 14.50 9.91 14.79
C VAL B 325 13.31 10.64 14.19
N SER B 326 12.75 11.58 14.95
CA SER B 326 11.62 12.35 14.47
C SER B 326 11.85 13.83 14.73
N ILE B 327 11.21 14.65 13.90
CA ILE B 327 11.35 16.09 13.90
C ILE B 327 9.95 16.68 13.73
N THR B 328 9.58 17.60 14.61
CA THR B 328 8.21 18.11 14.63
C THR B 328 7.99 19.17 13.54
N ASP B 329 6.72 19.50 13.30
CA ASP B 329 6.37 20.61 12.42
C ASP B 329 7.18 21.85 12.75
N ASP B 330 7.16 22.26 14.02
CA ASP B 330 7.80 23.54 14.35
C ASP B 330 9.30 23.45 14.13
N GLU B 331 9.89 22.31 14.45
CA GLU B 331 11.31 22.14 14.18
C GLU B 331 11.62 22.22 12.69
N ALA B 332 10.79 21.58 11.86
CA ALA B 332 11.09 21.61 10.44
C ALA B 332 10.93 23.03 9.90
N LEU B 333 9.95 23.78 10.40
CA LEU B 333 9.69 25.14 9.92
C LEU B 333 10.86 26.05 10.25
N GLU B 334 11.53 25.82 11.38
CA GLU B 334 12.64 26.71 11.74
C GLU B 334 13.83 26.41 10.86
N ALA B 335 14.06 25.12 10.59
CA ALA B 335 15.12 24.74 9.66
C ALA B 335 14.84 25.30 8.26
N PHE B 336 13.58 25.24 7.80
CA PHE B 336 13.18 25.90 6.56
C PHE B 336 13.57 27.37 6.59
N LYS B 337 13.13 28.13 7.61
CA LYS B 337 13.45 29.55 7.67
C LYS B 337 14.96 29.78 7.69
N THR B 338 15.66 29.00 8.50
CA THR B 338 17.10 29.19 8.65
C THR B 338 17.83 28.97 7.33
N LEU B 339 17.44 27.95 6.57
CA LEU B 339 18.12 27.73 5.31
C LEU B 339 17.86 28.87 4.34
N CYS B 340 16.62 29.36 4.28
CA CYS B 340 16.34 30.47 3.39
C CYS B 340 17.22 31.68 3.74
N ARG B 341 17.25 32.07 5.03
CA ARG B 341 17.86 33.34 5.42
C ARG B 341 19.39 33.28 5.42
N HIS B 342 19.99 32.12 5.73
CA HIS B 342 21.44 32.03 5.91
C HIS B 342 22.18 31.27 4.82
N GLU B 343 21.49 30.57 3.92
CA GLU B 343 22.16 29.96 2.78
C GLU B 343 21.48 30.30 1.45
N GLY B 344 20.32 30.93 1.46
CA GLY B 344 19.66 31.33 0.23
C GLY B 344 19.18 30.16 -0.57
N ILE B 345 18.82 29.06 0.10
CA ILE B 345 18.20 27.88 -0.50
C ILE B 345 16.85 27.69 0.17
N ILE B 346 15.82 27.50 -0.64
CA ILE B 346 14.47 27.29 -0.11
C ILE B 346 14.18 25.79 -0.17
N PRO B 347 14.26 25.07 0.93
CA PRO B 347 14.17 23.60 0.87
C PRO B 347 12.73 23.16 0.99
N ALA B 348 12.45 21.96 0.46
CA ALA B 348 11.13 21.36 0.69
C ALA B 348 10.91 21.16 2.19
N LEU B 349 9.66 21.29 2.62
CA LEU B 349 9.37 21.04 4.04
C LEU B 349 9.65 19.59 4.44
N GLU B 350 9.56 18.65 3.50
CA GLU B 350 10.05 17.30 3.74
C GLU B 350 11.53 17.33 4.10
N SER B 351 12.35 17.85 3.18
CA SER B 351 13.79 17.94 3.37
C SER B 351 14.16 18.74 4.61
N SER B 352 13.32 19.70 4.99
CA SER B 352 13.53 20.50 6.19
C SER B 352 13.60 19.63 7.44
N HIS B 353 12.91 18.48 7.42
CA HIS B 353 12.97 17.60 8.59
C HIS B 353 14.37 17.04 8.75
N ALA B 354 15.03 16.68 7.66
CA ALA B 354 16.39 16.16 7.78
C ALA B 354 17.36 17.26 8.18
N LEU B 355 17.20 18.46 7.60
CA LEU B 355 18.00 19.60 8.00
C LEU B 355 17.78 19.91 9.48
N ALA B 356 16.52 19.83 9.94
CA ALA B 356 16.24 20.17 11.34
C ALA B 356 17.00 19.24 12.29
N HIS B 357 17.04 17.96 11.98
CA HIS B 357 17.77 17.05 12.85
C HIS B 357 19.27 17.32 12.79
N ALA B 358 19.81 17.60 11.59
CA ALA B 358 21.22 17.97 11.52
C ALA B 358 21.52 19.20 12.37
N LEU B 359 20.59 20.17 12.37
CA LEU B 359 20.85 21.36 13.15
C LEU B 359 20.83 21.04 14.63
N LYS B 360 20.01 20.07 15.02
CA LYS B 360 19.98 19.62 16.41
C LYS B 360 21.26 18.90 16.78
N MET B 361 21.78 18.06 15.88
CA MET B 361 23.06 17.37 16.12
C MET B 361 24.19 18.38 16.36
N MET B 362 24.21 19.44 15.57
CA MET B 362 25.20 20.50 15.75
C MET B 362 24.99 21.27 17.07
N ARG B 363 23.75 21.71 17.31
CA ARG B 363 23.49 22.67 18.39
C ARG B 363 23.55 22.00 19.76
N GLU B 364 23.14 20.74 19.86
CA GLU B 364 23.22 20.03 21.14
C GLU B 364 24.67 19.75 21.52
N GLN B 365 25.55 19.60 20.54
CA GLN B 365 26.94 19.25 20.79
C GLN B 365 27.85 20.10 19.90
N PRO B 366 27.92 21.41 20.17
CA PRO B 366 28.60 22.32 19.23
C PRO B 366 30.10 22.15 19.16
N GLU B 367 30.73 21.47 20.13
N GLU B 367 30.73 21.48 20.13
CA GLU B 367 32.16 21.23 20.05
CA GLU B 367 32.16 21.23 20.05
C GLU B 367 32.49 19.83 19.54
C GLU B 367 32.47 19.81 19.62
N LYS B 368 31.47 19.08 19.12
CA LYS B 368 31.68 17.75 18.57
C LYS B 368 32.11 17.90 17.12
N GLU B 369 33.31 17.41 16.79
CA GLU B 369 33.74 17.46 15.40
C GLU B 369 32.96 16.42 14.60
N GLN B 370 32.22 16.88 13.60
CA GLN B 370 31.41 15.96 12.82
C GLN B 370 31.19 16.50 11.42
N LEU B 371 31.38 15.60 10.45
CA LEU B 371 31.15 15.87 9.04
C LEU B 371 29.82 15.23 8.65
N LEU B 372 28.82 16.08 8.36
CA LEU B 372 27.45 15.62 8.10
C LEU B 372 27.06 15.96 6.67
N VAL B 373 26.24 15.09 6.09
CA VAL B 373 25.60 15.35 4.79
C VAL B 373 24.09 15.23 4.99
N VAL B 374 23.37 16.27 4.61
CA VAL B 374 21.91 16.21 4.58
C VAL B 374 21.48 16.07 3.12
N ASN B 375 20.68 15.04 2.84
CA ASN B 375 20.02 14.91 1.55
C ASN B 375 18.94 15.98 1.44
N LEU B 376 19.17 17.00 0.64
CA LEU B 376 18.13 18.03 0.47
C LEU B 376 17.22 17.52 -0.64
N SER B 377 16.19 16.77 -0.25
CA SER B 377 15.43 15.99 -1.23
C SER B 377 14.69 16.86 -2.24
N GLY B 378 14.32 18.10 -1.90
CA GLY B 378 13.58 18.91 -2.83
C GLY B 378 13.64 20.40 -2.53
N ARG B 379 13.19 21.20 -3.50
CA ARG B 379 13.13 22.63 -3.29
C ARG B 379 11.74 22.98 -2.76
N GLY B 380 11.66 24.10 -2.04
CA GLY B 380 10.45 24.41 -1.33
C GLY B 380 9.50 25.41 -1.97
N ASP B 381 9.61 25.58 -3.28
CA ASP B 381 8.67 26.46 -3.98
C ASP B 381 7.23 25.99 -3.78
N LYS B 382 7.00 24.67 -3.78
CA LYS B 382 5.66 24.15 -3.54
C LYS B 382 5.14 24.46 -2.15
N ASP B 383 5.99 24.89 -1.22
CA ASP B 383 5.64 25.10 0.17
C ASP B 383 5.49 26.57 0.57
N ILE B 384 5.77 27.52 -0.32
CA ILE B 384 5.86 28.91 0.12
C ILE B 384 4.50 29.46 0.55
N PHE B 385 3.43 29.02 -0.08
CA PHE B 385 2.12 29.49 0.33
C PHE B 385 1.74 28.89 1.66
N THR B 386 2.06 27.60 1.86
CA THR B 386 1.85 26.97 3.15
C THR B 386 2.67 27.67 4.24
N VAL B 387 3.96 27.88 4.01
CA VAL B 387 4.78 28.53 5.01
C VAL B 387 4.30 29.97 5.25
N HIS B 388 3.73 30.61 4.22
CA HIS B 388 3.24 31.97 4.41
C HIS B 388 2.10 32.03 5.40
N ASP B 389 1.05 31.21 5.19
CA ASP B 389 -0.11 31.29 6.05
C ASP B 389 0.22 30.89 7.48
N ILE B 390 1.16 29.96 7.66
CA ILE B 390 1.60 29.59 9.00
C ILE B 390 2.23 30.80 9.70
N LEU B 391 3.33 31.31 9.14
CA LEU B 391 4.03 32.41 9.79
C LEU B 391 3.19 33.67 9.88
N LYS B 392 2.17 33.81 9.03
CA LYS B 392 1.26 34.95 9.14
C LYS B 392 0.32 34.80 10.33
N ALA B 393 -0.30 33.62 10.45
CA ALA B 393 -1.15 33.34 11.60
C ALA B 393 -0.40 33.41 12.92
N ARG B 394 0.93 33.27 12.90
CA ARG B 394 1.75 33.36 14.10
C ARG B 394 2.35 34.74 14.28
N GLY B 395 1.89 35.74 13.52
CA GLY B 395 2.41 37.09 13.65
C GLY B 395 3.90 37.16 13.45
N GLU B 396 4.39 36.56 12.37
CA GLU B 396 5.83 36.55 12.11
C GLU B 396 6.13 36.99 10.68
C1 EDO C . -8.35 -11.98 17.33
O1 EDO C . -9.50 -12.70 17.74
C2 EDO C . -8.66 -11.31 15.99
O2 EDO C . -9.84 -10.51 16.13
CS CS D . 6.03 8.23 7.08
CS CS D . 7.96 7.10 7.88
CL CL E . 41.04 17.55 1.14
C KOU F . 5.23 12.77 -3.64
N KOU F . 7.15 12.80 -2.09
O KOU F . 4.23 12.21 -4.12
P KOU F . 10.50 9.49 0.35
N1 KOU F . 11.28 14.81 -0.20
C2 KOU F . 10.41 15.34 -1.10
C3 KOU F . 9.21 14.69 -1.34
O3 KOU F . 8.31 15.24 -2.26
C4 KOU F . 8.89 13.56 -0.66
C5 KOU F . 9.77 13.02 0.23
C6 KOU F . 10.96 13.68 0.47
CA KOU F . 5.97 12.05 -2.51
CB KOU F . 5.03 11.78 -1.35
OG KOU F . 4.08 12.79 -1.27
O1P KOU F . 10.15 8.33 -0.58
C2A KOU F . 10.75 16.62 -1.86
O2P KOU F . 11.79 10.09 -0.15
O3P KOU F . 10.72 8.97 1.75
C4A KOU F . 7.57 12.83 -0.92
O4P KOU F . 9.28 10.58 0.26
C5A KOU F . 9.44 11.75 1.04
OXT KOU F . 5.66 13.85 -4.13
C1 EDO G . 15.43 -15.53 -3.25
O1 EDO G . 14.16 -15.70 -2.59
C2 EDO G . 15.37 -16.20 -4.62
O2 EDO G . 16.69 -16.45 -5.09
S DMS H . 5.70 19.75 20.25
O DMS H . 5.19 18.44 20.78
C1 DMS H . 4.48 21.08 20.56
C2 DMS H . 7.04 20.39 21.30
CL CL I . 32.03 24.99 11.05
#